data_3FAC
#
_entry.id   3FAC
#
_cell.length_a   68.579
_cell.length_b   125.996
_cell.length_c   135.791
_cell.angle_alpha   90.00
_cell.angle_beta   90.00
_cell.angle_gamma   90.00
#
_symmetry.space_group_name_H-M   'P 21 21 21'
#
loop_
_entity.id
_entity.type
_entity.pdbx_description
1 polymer 'Putative uncharacterized protein'
2 water water
#
_entity_poly.entity_id   1
_entity_poly.type   'polypeptide(L)'
_entity_poly.pdbx_seq_one_letter_code
;MKGTCHCGAVEIEVELLNGFADARRCDCSFCRRRGAIAATARLSDLRVVRGAENLTLYQFGTRTAKHWFCRTCGIYTHHQ
RRSNPEEYGVNVAILEGVNPRDLGEVPWTDGVNHPSDR
;
_entity_poly.pdbx_strand_id   A,B,C,D,E,F,G,H
#
# COMPACT_ATOMS: atom_id res chain seq x y z
N MET A 1 6.68 -2.69 -16.48
CA MET A 1 7.52 -1.46 -16.40
C MET A 1 7.82 -1.18 -14.92
N LYS A 2 9.10 -1.13 -14.58
CA LYS A 2 9.53 -0.89 -13.20
C LYS A 2 9.59 0.57 -12.78
N GLY A 3 9.12 0.83 -11.56
CA GLY A 3 9.13 2.18 -11.02
C GLY A 3 9.82 2.12 -9.67
N THR A 4 10.68 3.09 -9.38
CA THR A 4 11.40 3.10 -8.10
C THR A 4 11.70 4.51 -7.62
N CYS A 5 11.57 4.75 -6.33
CA CYS A 5 11.87 6.07 -5.80
C CYS A 5 13.39 6.20 -5.81
N HIS A 6 13.91 7.35 -5.39
CA HIS A 6 15.35 7.55 -5.40
C HIS A 6 16.05 6.67 -4.37
N CYS A 7 15.63 6.76 -3.11
CA CYS A 7 16.19 5.95 -2.02
C CYS A 7 16.26 4.49 -2.46
N GLY A 8 15.34 4.11 -3.35
CA GLY A 8 15.29 2.74 -3.83
C GLY A 8 14.48 1.88 -2.89
N ALA A 9 13.94 2.51 -1.84
CA ALA A 9 13.14 1.81 -0.85
C ALA A 9 11.81 1.31 -1.44
N VAL A 10 11.25 2.08 -2.37
CA VAL A 10 9.97 1.71 -2.97
C VAL A 10 10.08 1.27 -4.42
N GLU A 11 9.39 0.18 -4.75
CA GLU A 11 9.37 -0.33 -6.12
C GLU A 11 7.97 -0.75 -6.53
N ILE A 12 7.49 -0.21 -7.63
CA ILE A 12 6.17 -0.56 -8.11
C ILE A 12 6.28 -1.33 -9.42
N GLU A 13 5.17 -1.91 -9.85
CA GLU A 13 5.08 -2.66 -11.09
C GLU A 13 3.80 -2.16 -11.73
N VAL A 14 3.92 -1.27 -12.71
CA VAL A 14 2.73 -0.70 -13.34
C VAL A 14 2.65 -0.75 -14.86
N GLU A 15 1.43 -0.90 -15.37
CA GLU A 15 1.15 -0.93 -16.79
C GLU A 15 0.38 0.34 -17.12
N LEU A 16 0.95 1.19 -17.97
CA LEU A 16 0.31 2.44 -18.34
C LEU A 16 -0.89 2.23 -19.24
N LEU A 17 -1.98 2.93 -18.94
CA LEU A 17 -3.19 2.83 -19.72
C LEU A 17 -2.96 3.18 -21.19
N ASN A 18 -2.49 4.39 -21.44
CA ASN A 18 -2.25 4.84 -22.81
C ASN A 18 -0.87 5.45 -22.95
N GLY A 19 0.15 4.67 -22.59
CA GLY A 19 1.51 5.14 -22.68
C GLY A 19 1.74 6.52 -22.08
N PHE A 20 2.65 7.26 -22.71
CA PHE A 20 3.00 8.61 -22.27
C PHE A 20 2.27 9.65 -23.11
N ALA A 21 1.53 9.17 -24.10
CA ALA A 21 0.79 10.03 -25.00
C ALA A 21 0.02 11.14 -24.29
N ASP A 22 -0.48 10.87 -23.08
CA ASP A 22 -1.24 11.86 -22.35
C ASP A 22 -0.63 12.34 -21.04
N ALA A 23 0.70 12.37 -20.97
CA ALA A 23 1.39 12.83 -19.77
C ALA A 23 1.15 14.34 -19.61
N ARG A 24 0.37 14.71 -18.59
CA ARG A 24 0.06 16.11 -18.34
C ARG A 24 0.70 16.64 -17.05
N ARG A 25 0.12 17.70 -16.50
CA ARG A 25 0.65 18.31 -15.28
C ARG A 25 -0.39 19.14 -14.54
N CYS A 26 -1.04 18.57 -13.53
CA CYS A 26 -2.04 19.30 -12.76
C CYS A 26 -1.33 20.51 -12.16
N ASP A 27 -1.96 21.67 -12.19
CA ASP A 27 -1.34 22.87 -11.64
C ASP A 27 -2.10 23.38 -10.42
N CYS A 28 -2.88 22.50 -9.79
CA CYS A 28 -3.62 22.88 -8.60
C CYS A 28 -2.61 23.24 -7.50
N SER A 29 -3.09 23.78 -6.39
CA SER A 29 -2.20 24.18 -5.29
C SER A 29 -1.23 23.08 -4.87
N PHE A 30 -1.67 21.82 -4.92
CA PHE A 30 -0.82 20.70 -4.52
C PHE A 30 0.07 20.18 -5.66
N CYS A 31 -0.53 19.83 -6.78
CA CYS A 31 0.23 19.31 -7.91
C CYS A 31 1.31 20.28 -8.38
N ARG A 32 1.00 21.58 -8.36
CA ARG A 32 1.97 22.58 -8.78
C ARG A 32 3.19 22.48 -7.88
N ARG A 33 2.96 22.08 -6.62
CA ARG A 33 4.05 21.93 -5.66
C ARG A 33 4.81 20.61 -5.86
N ARG A 34 4.12 19.58 -6.33
CA ARG A 34 4.77 18.29 -6.60
C ARG A 34 5.76 18.55 -7.74
N GLY A 35 5.23 19.04 -8.86
CA GLY A 35 6.04 19.35 -10.02
C GLY A 35 6.27 18.20 -10.99
N ALA A 36 5.76 17.03 -10.66
CA ALA A 36 5.95 15.85 -11.50
C ALA A 36 5.01 15.77 -12.70
N ILE A 37 5.40 14.94 -13.67
CA ILE A 37 4.61 14.69 -14.87
C ILE A 37 3.99 13.31 -14.67
N ALA A 38 2.67 13.22 -14.74
CA ALA A 38 1.99 11.95 -14.53
C ALA A 38 1.42 11.30 -15.79
N ALA A 39 1.08 10.02 -15.65
CA ALA A 39 0.49 9.21 -16.70
C ALA A 39 -0.49 8.28 -16.01
N THR A 40 -1.63 8.00 -16.64
CA THR A 40 -2.65 7.15 -16.04
C THR A 40 -2.35 5.65 -16.00
N ALA A 41 -3.10 4.93 -15.17
CA ALA A 41 -2.96 3.48 -15.02
C ALA A 41 -4.16 2.90 -14.25
N ARG A 42 -4.78 1.88 -14.81
CA ARG A 42 -5.94 1.24 -14.17
C ARG A 42 -5.53 0.71 -12.79
N LEU A 43 -6.48 0.69 -11.86
CA LEU A 43 -6.23 0.19 -10.51
C LEU A 43 -5.60 -1.20 -10.54
N SER A 44 -6.13 -2.05 -11.40
CA SER A 44 -5.63 -3.42 -11.53
C SER A 44 -4.34 -3.52 -12.34
N ASP A 45 -3.74 -2.39 -12.68
CA ASP A 45 -2.49 -2.40 -13.43
C ASP A 45 -1.29 -1.94 -12.60
N LEU A 46 -1.53 -1.57 -11.35
CA LEU A 46 -0.45 -1.11 -10.49
C LEU A 46 -0.28 -2.00 -9.26
N ARG A 47 0.95 -2.42 -9.01
CA ARG A 47 1.27 -3.29 -7.90
C ARG A 47 2.53 -2.83 -7.17
N VAL A 48 2.43 -2.61 -5.86
CA VAL A 48 3.56 -2.19 -5.05
C VAL A 48 4.44 -3.40 -4.76
N VAL A 49 5.61 -3.45 -5.41
CA VAL A 49 6.54 -4.56 -5.27
C VAL A 49 7.22 -4.61 -3.90
N ARG A 50 7.76 -3.48 -3.46
CA ARG A 50 8.43 -3.41 -2.16
C ARG A 50 8.42 -1.98 -1.63
N GLY A 51 8.54 -1.86 -0.31
CA GLY A 51 8.58 -0.55 0.32
C GLY A 51 7.22 -0.01 0.73
N ALA A 52 6.20 -0.87 0.73
CA ALA A 52 4.86 -0.44 1.12
C ALA A 52 4.87 0.21 2.50
N GLU A 53 5.76 -0.26 3.37
CA GLU A 53 5.86 0.29 4.73
C GLU A 53 6.63 1.60 4.79
N ASN A 54 7.32 1.94 3.71
CA ASN A 54 8.12 3.17 3.67
C ASN A 54 7.43 4.30 2.92
N LEU A 55 6.19 4.07 2.52
CA LEU A 55 5.42 5.10 1.81
C LEU A 55 4.52 5.90 2.73
N THR A 56 4.36 7.18 2.42
CA THR A 56 3.51 8.06 3.21
C THR A 56 2.26 8.43 2.44
N LEU A 57 1.13 8.42 3.12
CA LEU A 57 -0.15 8.74 2.52
C LEU A 57 -0.55 10.17 2.85
N TYR A 58 -0.97 10.91 1.85
CA TYR A 58 -1.39 12.28 2.05
C TYR A 58 -2.75 12.52 1.40
N GLN A 59 -3.68 13.05 2.19
CA GLN A 59 -5.03 13.35 1.74
C GLN A 59 -5.38 14.79 2.13
N PHE A 60 -6.26 15.41 1.36
CA PHE A 60 -6.69 16.77 1.66
C PHE A 60 -7.96 17.15 0.91
N GLY A 61 -8.53 18.30 1.25
CA GLY A 61 -9.75 18.75 0.61
C GLY A 61 -10.87 17.74 0.74
N THR A 62 -11.23 17.11 -0.36
CA THR A 62 -12.29 16.09 -0.35
C THR A 62 -11.74 14.78 0.21
N ARG A 63 -10.43 14.71 0.37
CA ARG A 63 -9.78 13.50 0.88
C ARG A 63 -10.13 12.32 -0.01
N THR A 64 -10.46 12.63 -1.26
CA THR A 64 -10.82 11.62 -2.25
C THR A 64 -9.53 11.07 -2.84
N ALA A 65 -8.72 11.96 -3.40
CA ALA A 65 -7.45 11.59 -4.01
C ALA A 65 -6.50 11.07 -2.95
N LYS A 66 -5.73 10.04 -3.31
CA LYS A 66 -4.76 9.46 -2.39
C LYS A 66 -3.37 9.67 -2.99
N HIS A 67 -2.53 10.38 -2.25
CA HIS A 67 -1.18 10.68 -2.72
C HIS A 67 -0.15 9.94 -1.87
N TRP A 68 0.78 9.23 -2.51
CA TRP A 68 1.81 8.51 -1.78
C TRP A 68 3.19 9.03 -2.13
N PHE A 69 4.10 9.01 -1.17
CA PHE A 69 5.47 9.45 -1.39
C PHE A 69 6.40 8.73 -0.41
N CYS A 70 7.60 8.44 -0.88
CA CYS A 70 8.60 7.75 -0.06
C CYS A 70 9.02 8.61 1.13
N ARG A 71 8.91 8.06 2.35
CA ARG A 71 9.27 8.80 3.56
C ARG A 71 10.76 9.11 3.68
N THR A 72 11.59 8.37 2.94
CA THR A 72 13.03 8.57 3.00
C THR A 72 13.55 9.62 2.02
N CYS A 73 13.31 9.42 0.73
CA CYS A 73 13.79 10.35 -0.28
C CYS A 73 12.74 11.41 -0.64
N GLY A 74 11.53 11.25 -0.13
CA GLY A 74 10.48 12.21 -0.39
C GLY A 74 9.95 12.20 -1.81
N ILE A 75 10.35 11.22 -2.62
CA ILE A 75 9.92 11.14 -4.01
C ILE A 75 8.49 10.63 -4.19
N TYR A 76 7.69 11.41 -4.91
CA TYR A 76 6.30 11.06 -5.21
C TYR A 76 6.27 9.90 -6.20
N THR A 77 5.70 8.78 -5.78
CA THR A 77 5.60 7.60 -6.65
C THR A 77 4.33 7.60 -7.49
N HIS A 78 3.18 7.50 -6.82
CA HIS A 78 1.90 7.47 -7.51
C HIS A 78 0.78 7.98 -6.60
N HIS A 79 -0.42 8.13 -7.17
CA HIS A 79 -1.57 8.58 -6.42
C HIS A 79 -2.88 8.13 -7.07
N GLN A 80 -3.93 8.05 -6.27
CA GLN A 80 -5.23 7.64 -6.78
C GLN A 80 -6.02 8.90 -7.10
N ARG A 81 -6.07 9.25 -8.39
CA ARG A 81 -6.77 10.43 -8.86
C ARG A 81 -8.08 10.68 -8.12
N ARG A 82 -8.48 11.95 -8.06
CA ARG A 82 -9.71 12.34 -7.39
C ARG A 82 -10.86 12.49 -8.38
N SER A 83 -10.52 12.56 -9.67
CA SER A 83 -11.54 12.55 -10.72
C SER A 83 -11.97 11.12 -11.04
N ASN A 84 -11.01 10.19 -11.01
CA ASN A 84 -11.31 8.79 -11.29
C ASN A 84 -10.71 7.85 -10.25
N PRO A 85 -11.56 7.39 -9.32
CA PRO A 85 -11.12 6.44 -8.29
C PRO A 85 -10.63 5.09 -8.82
N GLU A 86 -10.73 4.88 -10.13
CA GLU A 86 -10.29 3.64 -10.75
C GLU A 86 -8.98 3.84 -11.50
N GLU A 87 -8.33 4.97 -11.26
CA GLU A 87 -7.06 5.26 -11.91
C GLU A 87 -5.99 5.67 -10.92
N TYR A 88 -4.75 5.63 -11.40
CA TYR A 88 -3.59 6.02 -10.60
C TYR A 88 -2.81 7.02 -11.43
N GLY A 89 -2.15 7.95 -10.76
CA GLY A 89 -1.34 8.93 -11.44
C GLY A 89 0.07 8.53 -11.07
N VAL A 90 0.89 8.18 -12.06
CA VAL A 90 2.26 7.76 -11.78
C VAL A 90 3.32 8.77 -12.18
N ASN A 91 4.36 8.88 -11.36
CA ASN A 91 5.47 9.78 -11.61
C ASN A 91 6.32 9.15 -12.73
N VAL A 92 6.24 9.73 -13.94
CA VAL A 92 6.99 9.20 -15.08
C VAL A 92 8.50 9.11 -14.82
N ALA A 93 9.02 10.02 -14.01
CA ALA A 93 10.44 10.04 -13.71
C ALA A 93 10.94 8.86 -12.89
N ILE A 94 10.03 8.13 -12.24
CA ILE A 94 10.48 6.97 -11.47
C ILE A 94 10.52 5.72 -12.35
N LEU A 95 9.86 5.78 -13.49
CA LEU A 95 9.83 4.66 -14.43
C LEU A 95 11.21 4.40 -15.01
N GLU A 96 11.66 3.15 -14.90
CA GLU A 96 12.98 2.75 -15.38
C GLU A 96 13.19 3.06 -16.85
N GLY A 97 14.30 3.72 -17.15
CA GLY A 97 14.62 4.08 -18.52
C GLY A 97 13.93 5.33 -19.04
N VAL A 98 13.29 6.08 -18.15
CA VAL A 98 12.59 7.29 -18.57
C VAL A 98 13.18 8.58 -18.02
N ASN A 99 13.70 9.40 -18.92
CA ASN A 99 14.25 10.69 -18.53
C ASN A 99 13.17 11.69 -18.96
N PRO A 100 12.49 12.31 -17.99
CA PRO A 100 11.43 13.28 -18.27
C PRO A 100 11.78 14.32 -19.32
N ARG A 101 13.04 14.72 -19.40
CA ARG A 101 13.47 15.69 -20.39
C ARG A 101 13.12 15.25 -21.81
N ASP A 102 13.31 13.96 -22.09
CA ASP A 102 13.04 13.42 -23.41
C ASP A 102 11.57 13.49 -23.83
N LEU A 103 10.68 13.82 -22.91
CA LEU A 103 9.26 13.94 -23.24
C LEU A 103 8.97 15.30 -23.85
N GLY A 104 9.94 16.21 -23.76
CA GLY A 104 9.76 17.55 -24.29
C GLY A 104 8.64 18.27 -23.57
N GLU A 105 8.16 19.37 -24.14
CA GLU A 105 7.08 20.13 -23.54
C GLU A 105 5.86 19.25 -23.30
N VAL A 106 5.15 19.52 -22.22
CA VAL A 106 3.94 18.78 -21.87
C VAL A 106 2.93 19.74 -21.26
N PRO A 107 1.66 19.59 -21.64
CA PRO A 107 0.57 20.45 -21.15
C PRO A 107 0.41 20.48 -19.64
N TRP A 108 -0.59 21.24 -19.18
CA TRP A 108 -0.92 21.37 -17.78
C TRP A 108 -2.43 21.14 -17.66
N THR A 109 -2.82 20.11 -16.91
CA THR A 109 -4.25 19.82 -16.75
C THR A 109 -4.85 20.82 -15.76
N MET B 1 -36.92 -5.88 11.14
CA MET B 1 -35.66 -5.55 11.87
C MET B 1 -34.64 -4.98 10.88
N LYS B 2 -34.33 -3.70 11.03
CA LYS B 2 -33.38 -3.03 10.14
C LYS B 2 -31.95 -3.45 10.44
N GLY B 3 -31.08 -3.30 9.44
CA GLY B 3 -29.69 -3.65 9.59
C GLY B 3 -28.83 -2.76 8.71
N THR B 4 -27.80 -2.15 9.30
CA THR B 4 -26.93 -1.25 8.55
C THR B 4 -25.46 -1.50 8.86
N CYS B 5 -24.60 -1.16 7.90
CA CYS B 5 -23.16 -1.31 8.09
C CYS B 5 -22.68 -0.01 8.75
N HIS B 6 -21.37 0.14 8.93
CA HIS B 6 -20.87 1.35 9.57
C HIS B 6 -20.99 2.54 8.63
N CYS B 7 -20.51 2.38 7.40
CA CYS B 7 -20.58 3.45 6.40
C CYS B 7 -21.98 4.06 6.43
N GLY B 8 -22.98 3.20 6.38
CA GLY B 8 -24.36 3.65 6.38
C GLY B 8 -24.94 3.50 4.98
N ALA B 9 -24.05 3.21 4.03
CA ALA B 9 -24.43 3.02 2.64
C ALA B 9 -25.41 1.87 2.48
N VAL B 10 -25.03 0.69 2.97
CA VAL B 10 -25.88 -0.48 2.86
C VAL B 10 -26.86 -0.60 4.03
N GLU B 11 -28.13 -0.83 3.71
CA GLU B 11 -29.16 -0.98 4.73
C GLU B 11 -30.07 -2.15 4.33
N ILE B 12 -30.17 -3.13 5.22
CA ILE B 12 -31.00 -4.30 4.97
C ILE B 12 -32.19 -4.37 5.93
N GLU B 13 -33.15 -5.20 5.57
CA GLU B 13 -34.35 -5.42 6.37
C GLU B 13 -34.43 -6.94 6.48
N VAL B 14 -34.52 -7.46 7.71
CA VAL B 14 -34.56 -8.90 7.87
C VAL B 14 -35.37 -9.38 9.06
N GLU B 15 -35.78 -10.65 8.98
CA GLU B 15 -36.54 -11.32 10.03
C GLU B 15 -35.81 -12.61 10.34
N LEU B 16 -35.15 -12.66 11.49
CA LEU B 16 -34.42 -13.85 11.89
C LEU B 16 -35.35 -15.05 11.96
N LEU B 17 -34.87 -16.19 11.45
CA LEU B 17 -35.65 -17.42 11.45
C LEU B 17 -36.11 -17.75 12.86
N ASN B 18 -35.19 -17.67 13.82
CA ASN B 18 -35.49 -17.96 15.21
C ASN B 18 -34.57 -17.21 16.16
N GLY B 19 -34.67 -15.87 16.12
CA GLY B 19 -33.86 -15.03 16.98
C GLY B 19 -32.35 -15.29 16.92
N PHE B 20 -31.70 -15.08 18.05
CA PHE B 20 -30.26 -15.28 18.16
C PHE B 20 -29.99 -16.63 18.84
N ALA B 21 -30.98 -17.50 18.82
CA ALA B 21 -30.88 -18.81 19.45
C ALA B 21 -29.68 -19.62 18.95
N ASP B 22 -29.54 -19.71 17.63
CA ASP B 22 -28.45 -20.46 17.03
C ASP B 22 -27.24 -19.61 16.65
N ALA B 23 -27.02 -18.51 17.38
CA ALA B 23 -25.90 -17.62 17.11
C ALA B 23 -24.58 -18.37 17.21
N ARG B 24 -23.91 -18.56 16.07
CA ARG B 24 -22.65 -19.29 16.05
C ARG B 24 -21.51 -18.53 15.35
N ARG B 25 -20.31 -19.08 15.49
CA ARG B 25 -19.11 -18.53 14.87
C ARG B 25 -18.45 -19.68 14.13
N CYS B 26 -18.29 -19.54 12.82
CA CYS B 26 -17.66 -20.58 12.01
C CYS B 26 -16.15 -20.38 12.14
N ASP B 27 -15.39 -21.46 12.14
CA ASP B 27 -13.93 -21.32 12.26
C ASP B 27 -13.17 -21.72 11.00
N CYS B 28 -13.86 -21.78 9.87
CA CYS B 28 -13.22 -22.14 8.60
C CYS B 28 -12.27 -21.01 8.18
N SER B 29 -11.39 -21.29 7.22
CA SER B 29 -10.42 -20.32 6.75
C SER B 29 -10.97 -18.91 6.54
N PHE B 30 -12.17 -18.82 5.96
CA PHE B 30 -12.79 -17.52 5.71
C PHE B 30 -13.58 -16.98 6.90
N CYS B 31 -14.48 -17.79 7.45
CA CYS B 31 -15.31 -17.35 8.58
C CYS B 31 -14.54 -16.84 9.79
N ARG B 32 -13.37 -17.41 10.08
CA ARG B 32 -12.58 -16.98 11.23
C ARG B 32 -12.00 -15.58 10.99
N ARG B 33 -11.66 -15.30 9.73
CA ARG B 33 -11.10 -14.01 9.38
C ARG B 33 -12.17 -12.93 9.41
N ARG B 34 -13.42 -13.36 9.28
CA ARG B 34 -14.58 -12.46 9.31
C ARG B 34 -14.77 -12.02 10.76
N GLY B 35 -14.99 -13.00 11.64
CA GLY B 35 -15.17 -12.74 13.06
C GLY B 35 -16.59 -12.64 13.56
N ALA B 36 -17.44 -11.94 12.81
CA ALA B 36 -18.82 -11.72 13.17
C ALA B 36 -19.58 -12.95 13.68
N ILE B 37 -20.63 -12.69 14.46
CA ILE B 37 -21.50 -13.72 14.99
C ILE B 37 -22.72 -13.71 14.09
N ALA B 38 -22.89 -14.77 13.30
CA ALA B 38 -24.02 -14.84 12.38
C ALA B 38 -25.26 -15.54 12.92
N ALA B 39 -26.42 -15.03 12.51
CA ALA B 39 -27.72 -15.58 12.90
C ALA B 39 -28.42 -15.97 11.61
N THR B 40 -29.33 -16.93 11.68
CA THR B 40 -30.04 -17.39 10.48
C THR B 40 -31.29 -16.58 10.15
N ALA B 41 -31.66 -16.61 8.87
CA ALA B 41 -32.84 -15.92 8.37
C ALA B 41 -33.29 -16.63 7.09
N ARG B 42 -34.58 -16.92 6.97
CA ARG B 42 -35.07 -17.58 5.77
C ARG B 42 -34.67 -16.73 4.57
N LEU B 43 -34.25 -17.39 3.50
CA LEU B 43 -33.83 -16.72 2.28
C LEU B 43 -34.87 -15.68 1.86
N SER B 44 -36.14 -15.97 2.16
CA SER B 44 -37.24 -15.08 1.81
C SER B 44 -37.55 -14.04 2.88
N ASP B 45 -36.75 -13.98 3.94
CA ASP B 45 -36.99 -13.01 5.01
C ASP B 45 -35.90 -11.95 5.17
N LEU B 46 -35.03 -11.82 4.17
CA LEU B 46 -33.98 -10.83 4.19
C LEU B 46 -33.99 -10.05 2.89
N ARG B 47 -33.75 -8.74 2.98
CA ARG B 47 -33.74 -7.89 1.79
C ARG B 47 -32.89 -6.62 1.96
N VAL B 48 -32.10 -6.30 0.95
CA VAL B 48 -31.30 -5.10 1.00
C VAL B 48 -32.28 -3.97 0.72
N VAL B 49 -32.25 -2.93 1.54
CA VAL B 49 -33.17 -1.83 1.35
C VAL B 49 -32.50 -0.73 0.53
N ARG B 50 -31.20 -0.55 0.76
CA ARG B 50 -30.44 0.46 0.05
C ARG B 50 -28.96 0.11 0.07
N GLY B 51 -28.20 0.67 -0.85
CA GLY B 51 -26.77 0.40 -0.89
C GLY B 51 -26.40 -0.92 -1.52
N ALA B 52 -27.34 -1.56 -2.20
CA ALA B 52 -27.05 -2.84 -2.84
C ALA B 52 -25.88 -2.69 -3.82
N GLU B 53 -25.83 -1.57 -4.52
CA GLU B 53 -24.77 -1.33 -5.49
C GLU B 53 -23.43 -1.11 -4.81
N ASN B 54 -23.46 -0.92 -3.50
CA ASN B 54 -22.24 -0.67 -2.75
C ASN B 54 -21.70 -1.93 -2.06
N LEU B 55 -22.37 -3.06 -2.29
CA LEU B 55 -21.93 -4.32 -1.70
C LEU B 55 -21.05 -5.10 -2.67
N THR B 56 -19.88 -5.54 -2.19
CA THR B 56 -18.98 -6.32 -3.01
C THR B 56 -19.34 -7.78 -2.79
N LEU B 57 -19.34 -8.55 -3.87
CA LEU B 57 -19.65 -9.97 -3.79
C LEU B 57 -18.36 -10.77 -3.80
N TYR B 58 -18.26 -11.74 -2.90
CA TYR B 58 -17.08 -12.58 -2.84
C TYR B 58 -17.49 -14.05 -2.78
N GLN B 59 -16.88 -14.85 -3.65
CA GLN B 59 -17.16 -16.27 -3.71
C GLN B 59 -15.86 -17.07 -3.84
N PHE B 60 -15.85 -18.28 -3.29
CA PHE B 60 -14.68 -19.14 -3.36
C PHE B 60 -15.09 -20.59 -3.19
N GLY B 61 -14.19 -21.51 -3.53
CA GLY B 61 -14.49 -22.91 -3.41
C GLY B 61 -15.52 -23.36 -4.44
N THR B 62 -16.54 -24.06 -3.99
CA THR B 62 -17.59 -24.55 -4.87
C THR B 62 -18.37 -23.37 -5.45
N ARG B 63 -18.06 -22.18 -4.97
CA ARG B 63 -18.72 -20.96 -5.41
C ARG B 63 -20.23 -21.11 -5.27
N THR B 64 -20.64 -21.84 -4.23
CA THR B 64 -22.05 -22.06 -3.95
C THR B 64 -22.53 -20.88 -3.11
N ALA B 65 -21.87 -20.69 -1.97
CA ALA B 65 -22.19 -19.60 -1.05
C ALA B 65 -21.91 -18.25 -1.67
N LYS B 66 -22.56 -17.22 -1.13
CA LYS B 66 -22.39 -15.86 -1.62
C LYS B 66 -22.15 -14.96 -0.40
N HIS B 67 -20.99 -14.30 -0.36
CA HIS B 67 -20.65 -13.43 0.76
C HIS B 67 -20.57 -11.96 0.37
N TRP B 68 -21.31 -11.12 1.08
CA TRP B 68 -21.34 -9.69 0.82
C TRP B 68 -20.76 -8.85 1.95
N PHE B 69 -20.23 -7.70 1.58
CA PHE B 69 -19.67 -6.77 2.54
C PHE B 69 -19.60 -5.41 1.86
N CYS B 70 -19.84 -4.37 2.63
CA CYS B 70 -19.80 -3.02 2.10
C CYS B 70 -18.39 -2.72 1.60
N ARG B 71 -18.30 -2.10 0.43
CA ARG B 71 -17.02 -1.78 -0.18
C ARG B 71 -16.39 -0.54 0.43
N THR B 72 -17.12 0.15 1.28
CA THR B 72 -16.60 1.37 1.90
C THR B 72 -16.08 1.13 3.31
N CYS B 73 -16.92 0.60 4.20
CA CYS B 73 -16.47 0.35 5.56
C CYS B 73 -15.93 -1.07 5.72
N GLY B 74 -16.16 -1.91 4.72
CA GLY B 74 -15.67 -3.28 4.75
C GLY B 74 -16.45 -4.19 5.67
N ILE B 75 -17.63 -3.75 6.11
CA ILE B 75 -18.44 -4.53 7.03
C ILE B 75 -19.31 -5.61 6.39
N TYR B 76 -19.09 -6.84 6.83
CA TYR B 76 -19.85 -7.98 6.35
C TYR B 76 -21.30 -7.83 6.86
N THR B 77 -22.26 -7.88 5.93
CA THR B 77 -23.66 -7.74 6.30
C THR B 77 -24.35 -9.10 6.32
N HIS B 78 -24.19 -9.87 5.25
CA HIS B 78 -24.80 -11.19 5.17
C HIS B 78 -24.21 -12.08 4.08
N HIS B 79 -24.59 -13.35 4.10
CA HIS B 79 -24.11 -14.29 3.11
C HIS B 79 -25.08 -15.45 2.94
N GLN B 80 -25.05 -16.06 1.76
CA GLN B 80 -25.92 -17.19 1.48
C GLN B 80 -25.17 -18.48 1.80
N ARG B 81 -25.54 -19.11 2.90
CA ARG B 81 -24.90 -20.35 3.35
C ARG B 81 -24.73 -21.39 2.25
N ARG B 82 -23.56 -22.03 2.23
CA ARG B 82 -23.25 -23.06 1.24
C ARG B 82 -24.06 -24.30 1.61
N SER B 83 -24.15 -24.57 2.92
CA SER B 83 -24.87 -25.72 3.44
C SER B 83 -26.34 -25.72 3.03
N ASN B 84 -27.00 -24.58 3.15
CA ASN B 84 -28.41 -24.48 2.78
C ASN B 84 -28.71 -23.20 2.02
N PRO B 85 -28.81 -23.29 0.69
CA PRO B 85 -29.10 -22.16 -0.20
C PRO B 85 -30.41 -21.42 0.13
N GLU B 86 -31.16 -21.96 1.09
CA GLU B 86 -32.42 -21.36 1.51
C GLU B 86 -32.23 -20.48 2.75
N GLU B 87 -31.01 -20.44 3.25
CA GLU B 87 -30.70 -19.67 4.45
C GLU B 87 -29.69 -18.55 4.22
N TYR B 88 -29.78 -17.53 5.06
CA TYR B 88 -28.86 -16.40 5.00
C TYR B 88 -28.05 -16.36 6.29
N GLY B 89 -26.89 -15.72 6.21
CA GLY B 89 -26.06 -15.56 7.38
C GLY B 89 -26.12 -14.07 7.64
N VAL B 90 -26.55 -13.66 8.82
CA VAL B 90 -26.64 -12.23 9.11
C VAL B 90 -25.73 -11.79 10.26
N ASN B 91 -24.92 -10.78 9.98
CA ASN B 91 -24.00 -10.23 10.96
C ASN B 91 -24.86 -9.49 12.01
N VAL B 92 -25.09 -10.14 13.15
CA VAL B 92 -25.92 -9.54 14.20
C VAL B 92 -25.44 -8.17 14.66
N ALA B 93 -24.13 -7.93 14.56
CA ALA B 93 -23.56 -6.66 14.97
C ALA B 93 -24.16 -5.48 14.22
N ILE B 94 -24.65 -5.72 13.01
CA ILE B 94 -25.23 -4.65 12.19
C ILE B 94 -26.70 -4.39 12.47
N LEU B 95 -27.37 -5.32 13.16
CA LEU B 95 -28.79 -5.15 13.46
C LEU B 95 -29.04 -4.04 14.48
N GLU B 96 -29.97 -3.15 14.14
CA GLU B 96 -30.33 -2.03 14.99
C GLU B 96 -30.88 -2.51 16.33
N GLY B 97 -30.59 -1.75 17.39
CA GLY B 97 -31.06 -2.10 18.72
C GLY B 97 -30.40 -3.36 19.24
N VAL B 98 -29.34 -3.81 18.59
CA VAL B 98 -28.63 -5.02 18.99
C VAL B 98 -27.14 -4.79 19.26
N ASN B 99 -26.66 -5.42 20.32
CA ASN B 99 -25.26 -5.36 20.73
C ASN B 99 -24.82 -6.81 20.91
N PRO B 100 -24.05 -7.35 19.96
CA PRO B 100 -23.56 -8.74 20.02
C PRO B 100 -22.93 -9.10 21.35
N ARG B 101 -22.50 -8.07 22.08
CA ARG B 101 -21.87 -8.25 23.38
C ARG B 101 -22.86 -8.79 24.42
N ASP B 102 -24.15 -8.75 24.10
CA ASP B 102 -25.18 -9.22 25.01
C ASP B 102 -25.54 -10.68 24.79
N LEU B 103 -24.99 -11.28 23.73
CA LEU B 103 -25.26 -12.68 23.43
C LEU B 103 -24.35 -13.58 24.27
N GLY B 104 -23.37 -12.97 24.93
CA GLY B 104 -22.45 -13.73 25.75
C GLY B 104 -21.54 -14.58 24.89
N GLU B 105 -20.93 -15.61 25.49
CA GLU B 105 -20.03 -16.48 24.75
C GLU B 105 -20.84 -17.38 23.82
N VAL B 106 -20.66 -17.19 22.52
CA VAL B 106 -21.36 -17.98 21.52
C VAL B 106 -20.52 -19.18 21.10
N PRO B 107 -21.15 -20.32 20.85
CA PRO B 107 -20.45 -21.54 20.44
C PRO B 107 -19.88 -21.49 19.02
N TRP B 108 -18.67 -22.03 18.84
CA TRP B 108 -18.04 -22.06 17.53
C TRP B 108 -18.50 -23.27 16.72
N THR B 109 -18.79 -23.05 15.45
CA THR B 109 -19.24 -24.13 14.57
C THR B 109 -18.06 -24.72 13.82
N MET C 1 10.15 36.93 0.25
CA MET C 1 8.93 36.19 -0.19
C MET C 1 8.59 35.07 0.78
N LYS C 2 7.29 34.85 0.97
CA LYS C 2 6.84 33.78 1.85
C LYS C 2 6.77 32.50 1.03
N GLY C 3 7.06 31.37 1.66
CA GLY C 3 6.99 30.11 0.96
C GLY C 3 6.34 29.11 1.90
N THR C 4 5.64 28.13 1.35
CA THR C 4 4.98 27.13 2.19
C THR C 4 4.77 25.83 1.42
N CYS C 5 4.68 24.73 2.16
CA CYS C 5 4.43 23.45 1.54
C CYS C 5 2.91 23.39 1.44
N HIS C 6 2.37 22.36 0.82
CA HIS C 6 0.92 22.26 0.69
C HIS C 6 0.19 22.08 2.03
N CYS C 7 0.76 21.27 2.93
CA CYS C 7 0.15 21.05 4.24
C CYS C 7 0.08 22.34 5.04
N GLY C 8 1.04 23.24 4.79
CA GLY C 8 1.08 24.50 5.51
C GLY C 8 1.89 24.39 6.79
N ALA C 9 2.41 23.19 7.04
CA ALA C 9 3.21 22.93 8.24
C ALA C 9 4.53 23.68 8.18
N VAL C 10 5.13 23.73 6.99
CA VAL C 10 6.41 24.40 6.80
C VAL C 10 6.24 25.75 6.14
N GLU C 11 6.93 26.75 6.68
CA GLU C 11 6.87 28.10 6.15
C GLU C 11 8.28 28.66 6.10
N ILE C 12 8.65 29.26 4.97
CA ILE C 12 9.97 29.84 4.82
C ILE C 12 9.88 31.28 4.31
N GLU C 13 10.96 32.02 4.50
CA GLU C 13 11.05 33.39 4.03
C GLU C 13 12.31 33.40 3.18
N VAL C 14 12.21 33.85 1.94
CA VAL C 14 13.38 33.86 1.08
C VAL C 14 13.49 35.05 0.13
N GLU C 15 14.72 35.38 -0.24
CA GLU C 15 15.02 36.48 -1.15
C GLU C 15 15.80 35.87 -2.31
N LEU C 16 15.11 35.60 -3.41
CA LEU C 16 15.77 35.03 -4.57
C LEU C 16 16.95 35.87 -5.02
N LEU C 17 17.94 35.23 -5.64
CA LEU C 17 19.13 35.93 -6.12
C LEU C 17 18.80 36.81 -7.32
N ASN C 18 18.43 36.17 -8.43
CA ASN C 18 18.08 36.89 -9.65
C ASN C 18 16.69 36.50 -10.11
N GLY C 19 15.72 36.60 -9.20
CA GLY C 19 14.36 36.25 -9.53
C GLY C 19 14.26 34.84 -10.09
N PHE C 20 13.45 34.67 -11.14
CA PHE C 20 13.27 33.38 -11.77
C PHE C 20 14.03 33.34 -13.10
N ALA C 21 14.96 34.28 -13.26
CA ALA C 21 15.76 34.38 -14.49
C ALA C 21 16.47 33.08 -14.82
N ASP C 22 17.21 32.54 -13.84
CA ASP C 22 17.95 31.31 -14.03
C ASP C 22 17.23 30.08 -13.49
N ALA C 23 15.90 30.09 -13.52
CA ALA C 23 15.10 28.97 -13.05
C ALA C 23 15.45 27.74 -13.89
N ARG C 24 15.85 26.67 -13.22
CA ARG C 24 16.25 25.46 -13.93
C ARG C 24 15.56 24.18 -13.44
N ARG C 25 15.87 23.09 -14.14
CA ARG C 25 15.35 21.76 -13.84
C ARG C 25 16.50 20.74 -13.98
N CYS C 26 17.07 20.31 -12.86
CA CYS C 26 18.15 19.33 -12.88
C CYS C 26 17.57 18.02 -13.41
N ASP C 27 18.36 17.21 -14.10
CA ASP C 27 17.85 15.95 -14.63
C ASP C 27 18.54 14.72 -14.02
N CYS C 28 19.32 14.92 -12.97
CA CYS C 28 20.00 13.80 -12.33
C CYS C 28 18.95 12.82 -11.83
N SER C 29 19.36 11.55 -11.66
CA SER C 29 18.46 10.51 -11.22
C SER C 29 17.52 10.92 -10.09
N PHE C 30 17.94 11.89 -9.28
CA PHE C 30 17.12 12.34 -8.16
C PHE C 30 16.23 13.54 -8.50
N CYS C 31 16.83 14.62 -8.98
CA CYS C 31 16.07 15.83 -9.31
C CYS C 31 14.93 15.55 -10.30
N ARG C 32 15.18 14.74 -11.32
CA ARG C 32 14.15 14.44 -12.31
C ARG C 32 12.94 13.85 -11.59
N ARG C 33 13.20 13.16 -10.47
CA ARG C 33 12.14 12.55 -9.69
C ARG C 33 11.34 13.58 -8.89
N ARG C 34 11.99 14.67 -8.48
CA ARG C 34 11.30 15.74 -7.75
C ARG C 34 10.53 16.53 -8.80
N GLY C 35 11.18 16.72 -9.95
CA GLY C 35 10.59 17.43 -11.07
C GLY C 35 10.26 18.90 -10.92
N ALA C 36 10.52 19.48 -9.76
CA ALA C 36 10.19 20.87 -9.52
C ALA C 36 11.14 21.89 -10.18
N ILE C 37 10.63 23.10 -10.41
CA ILE C 37 11.42 24.17 -10.99
C ILE C 37 12.17 24.85 -9.85
N ALA C 38 13.49 24.88 -9.93
CA ALA C 38 14.29 25.49 -8.87
C ALA C 38 14.87 26.86 -9.22
N ALA C 39 14.90 27.75 -8.23
CA ALA C 39 15.44 29.09 -8.39
C ALA C 39 16.54 29.23 -7.34
N THR C 40 17.55 30.06 -7.63
CA THR C 40 18.67 30.24 -6.71
C THR C 40 18.45 31.28 -5.62
N ALA C 41 19.08 31.05 -4.47
CA ALA C 41 19.00 31.96 -3.33
C ALA C 41 20.23 31.76 -2.44
N ARG C 42 20.81 32.86 -1.98
CA ARG C 42 21.99 32.78 -1.11
C ARG C 42 21.59 32.33 0.29
N LEU C 43 22.45 31.53 0.91
CA LEU C 43 22.18 31.01 2.25
C LEU C 43 21.66 32.12 3.17
N SER C 44 22.34 33.26 3.15
CA SER C 44 21.96 34.39 3.98
C SER C 44 20.59 34.96 3.65
N ASP C 45 20.03 34.61 2.49
CA ASP C 45 18.73 35.13 2.10
C ASP C 45 17.55 34.20 2.31
N LEU C 46 17.79 33.02 2.88
CA LEU C 46 16.70 32.07 3.12
C LEU C 46 16.70 31.56 4.56
N ARG C 47 15.54 31.15 5.04
CA ARG C 47 15.41 30.64 6.39
C ARG C 47 14.04 30.04 6.64
N VAL C 48 14.00 28.96 7.41
CA VAL C 48 12.74 28.32 7.73
C VAL C 48 12.10 29.15 8.84
N VAL C 49 10.90 29.65 8.58
CA VAL C 49 10.19 30.46 9.56
C VAL C 49 9.43 29.58 10.54
N ARG C 50 8.88 28.47 10.05
CA ARG C 50 8.13 27.57 10.91
C ARG C 50 7.98 26.18 10.30
N GLY C 51 7.88 25.18 11.16
CA GLY C 51 7.71 23.82 10.70
C GLY C 51 8.99 23.07 10.45
N ALA C 52 10.13 23.68 10.75
CA ALA C 52 11.40 23.01 10.53
C ALA C 52 11.38 21.60 11.13
N GLU C 53 10.68 21.44 12.26
CA GLU C 53 10.60 20.14 12.91
C GLU C 53 9.85 19.16 12.02
N ASN C 54 9.00 19.67 11.15
CA ASN C 54 8.24 18.81 10.27
C ASN C 54 8.94 18.59 8.93
N LEU C 55 10.23 18.92 8.87
CA LEU C 55 11.00 18.74 7.64
C LEU C 55 11.92 17.53 7.73
N THR C 56 11.88 16.69 6.70
CA THR C 56 12.73 15.51 6.64
C THR C 56 13.97 15.87 5.84
N LEU C 57 15.12 15.38 6.29
CA LEU C 57 16.37 15.65 5.61
C LEU C 57 16.82 14.43 4.82
N TYR C 58 17.16 14.63 3.56
CA TYR C 58 17.59 13.54 2.71
C TYR C 58 18.94 13.82 2.08
N GLN C 59 19.95 13.03 2.44
CA GLN C 59 21.30 13.17 1.91
C GLN C 59 21.76 11.88 1.26
N PHE C 60 22.65 11.99 0.28
CA PHE C 60 23.17 10.81 -0.42
C PHE C 60 24.43 11.13 -1.21
N GLY C 61 25.08 10.09 -1.74
CA GLY C 61 26.29 10.28 -2.51
C GLY C 61 27.39 10.93 -1.71
N THR C 62 27.77 12.15 -2.12
CA THR C 62 28.82 12.90 -1.43
C THR C 62 28.29 13.39 -0.08
N ARG C 63 26.96 13.35 0.07
CA ARG C 63 26.30 13.79 1.28
C ARG C 63 26.74 15.20 1.65
N THR C 64 26.99 16.00 0.62
CA THR C 64 27.40 17.39 0.80
C THR C 64 26.14 18.24 0.71
N ALA C 65 25.32 17.93 -0.29
CA ALA C 65 24.07 18.64 -0.52
C ALA C 65 22.99 18.17 0.47
N LYS C 66 22.14 19.10 0.89
CA LYS C 66 21.05 18.78 1.82
C LYS C 66 19.69 19.01 1.17
N HIS C 67 18.88 17.96 1.13
CA HIS C 67 17.54 18.03 0.54
C HIS C 67 16.47 17.95 1.62
N TRP C 68 15.52 18.88 1.58
CA TRP C 68 14.44 18.90 2.55
C TRP C 68 13.08 18.79 1.92
N PHE C 69 12.14 18.24 2.67
CA PHE C 69 10.77 18.10 2.20
C PHE C 69 9.83 17.88 3.37
N CYS C 70 8.62 18.42 3.24
CA CYS C 70 7.61 18.29 4.28
C CYS C 70 7.30 16.80 4.50
N ARG C 71 7.36 16.34 5.74
CA ARG C 71 7.09 14.94 6.04
C ARG C 71 5.58 14.58 5.99
N THR C 72 4.73 15.58 5.82
CA THR C 72 3.29 15.34 5.77
C THR C 72 2.76 15.38 4.35
N CYS C 73 2.93 16.51 3.68
CA CYS C 73 2.45 16.63 2.32
C CYS C 73 3.48 16.11 1.30
N GLY C 74 4.71 15.89 1.77
CA GLY C 74 5.75 15.38 0.90
C GLY C 74 6.35 16.42 -0.04
N ILE C 75 5.90 17.67 0.09
CA ILE C 75 6.39 18.74 -0.76
C ILE C 75 7.83 19.18 -0.53
N TYR C 76 8.63 19.11 -1.60
CA TYR C 76 10.02 19.54 -1.55
C TYR C 76 10.02 21.06 -1.42
N THR C 77 10.63 21.58 -0.36
CA THR C 77 10.65 23.04 -0.16
C THR C 77 11.91 23.69 -0.71
N HIS C 78 13.06 23.25 -0.23
CA HIS C 78 14.33 23.79 -0.67
C HIS C 78 15.44 22.79 -0.39
N HIS C 79 16.65 23.08 -0.87
CA HIS C 79 17.79 22.22 -0.65
C HIS C 79 19.11 22.98 -0.81
N GLN C 80 20.18 22.46 -0.22
CA GLN C 80 21.49 23.09 -0.34
C GLN C 80 22.23 22.43 -1.49
N ARG C 81 22.57 23.21 -2.51
CA ARG C 81 23.29 22.70 -3.67
C ARG C 81 24.65 22.09 -3.32
N ARG C 82 25.05 21.09 -4.09
CA ARG C 82 26.34 20.42 -3.87
C ARG C 82 27.42 21.25 -4.54
N SER C 83 27.17 21.61 -5.79
CA SER C 83 28.10 22.41 -6.58
C SER C 83 28.45 23.73 -5.91
N ASN C 84 27.78 24.03 -4.81
CA ASN C 84 28.03 25.27 -4.08
C ASN C 84 27.33 25.29 -2.73
N PRO C 85 28.07 24.97 -1.65
CA PRO C 85 27.52 24.95 -0.29
C PRO C 85 27.10 26.32 0.24
N GLU C 86 27.04 27.31 -0.65
CA GLU C 86 26.65 28.67 -0.26
C GLU C 86 25.33 29.08 -0.89
N GLU C 87 24.70 28.17 -1.63
CA GLU C 87 23.44 28.46 -2.28
C GLU C 87 22.35 27.45 -1.94
N TYR C 88 21.10 27.91 -2.00
CA TYR C 88 19.95 27.06 -1.74
C TYR C 88 19.20 26.87 -3.05
N GLY C 89 18.41 25.82 -3.12
CA GLY C 89 17.60 25.56 -4.29
C GLY C 89 16.18 25.67 -3.77
N VAL C 90 15.39 26.57 -4.33
CA VAL C 90 14.02 26.73 -3.86
C VAL C 90 12.98 26.29 -4.89
N ASN C 91 11.93 25.65 -4.38
CA ASN C 91 10.84 25.18 -5.22
C ASN C 91 9.96 26.41 -5.48
N VAL C 92 10.07 26.99 -6.66
CA VAL C 92 9.31 28.18 -7.02
C VAL C 92 7.81 28.02 -6.79
N ALA C 93 7.34 26.77 -6.78
CA ALA C 93 5.93 26.49 -6.58
C ALA C 93 5.44 26.69 -5.15
N ILE C 94 6.36 26.88 -4.20
CA ILE C 94 5.95 27.08 -2.81
C ILE C 94 5.91 28.56 -2.46
N LEU C 95 6.32 29.42 -3.39
CA LEU C 95 6.31 30.85 -3.14
C LEU C 95 4.90 31.39 -3.36
N GLU C 96 4.38 32.04 -2.34
CA GLU C 96 3.03 32.61 -2.37
C GLU C 96 2.69 33.35 -3.66
N GLY C 97 1.54 32.98 -4.23
CA GLY C 97 1.07 33.62 -5.46
C GLY C 97 1.98 33.43 -6.66
N VAL C 98 2.70 32.31 -6.70
CA VAL C 98 3.60 32.05 -7.82
C VAL C 98 3.30 30.71 -8.48
N ASN C 99 2.61 30.74 -9.61
CA ASN C 99 2.29 29.52 -10.35
C ASN C 99 3.43 29.27 -11.32
N PRO C 100 4.02 28.07 -11.28
CA PRO C 100 5.13 27.70 -12.17
C PRO C 100 4.77 27.72 -13.66
N ARG C 101 3.50 27.52 -13.97
CA ARG C 101 3.04 27.53 -15.36
C ARG C 101 3.43 28.83 -16.05
N ASP C 102 3.39 29.93 -15.29
CA ASP C 102 3.72 31.25 -15.82
C ASP C 102 5.20 31.47 -16.15
N LEU C 103 6.08 30.65 -15.57
CA LEU C 103 7.51 30.80 -15.83
C LEU C 103 7.84 30.41 -17.26
N GLY C 104 7.00 29.58 -17.86
CA GLY C 104 7.22 29.15 -19.23
C GLY C 104 8.25 28.03 -19.29
N GLU C 105 8.45 27.48 -20.49
CA GLU C 105 9.39 26.40 -20.69
C GLU C 105 10.79 26.77 -20.18
N VAL C 106 11.21 26.15 -19.08
CA VAL C 106 12.53 26.41 -18.52
C VAL C 106 13.48 25.30 -18.94
N PRO C 107 14.79 25.60 -19.01
CA PRO C 107 15.80 24.62 -19.41
C PRO C 107 16.04 23.49 -18.40
N TRP C 108 17.06 22.69 -18.67
CA TRP C 108 17.45 21.58 -17.80
C TRP C 108 18.95 21.67 -17.52
N THR C 109 19.44 20.84 -16.60
CA THR C 109 20.85 20.83 -16.25
C THR C 109 21.47 19.46 -16.53
N MET D 1 3.84 -33.66 5.49
CA MET D 1 4.03 -34.49 6.72
C MET D 1 3.46 -33.75 7.93
N LYS D 2 2.73 -34.47 8.78
CA LYS D 2 2.11 -33.89 9.96
C LYS D 2 2.95 -34.04 11.23
N GLY D 3 3.01 -32.97 12.01
CA GLY D 3 3.76 -33.00 13.25
C GLY D 3 2.93 -32.35 14.34
N THR D 4 3.10 -32.79 15.59
CA THR D 4 2.32 -32.20 16.68
C THR D 4 3.08 -32.26 18.00
N CYS D 5 2.84 -31.28 18.87
CA CYS D 5 3.52 -31.30 20.15
C CYS D 5 2.84 -32.43 20.92
N HIS D 6 3.29 -32.70 22.14
CA HIS D 6 2.68 -33.78 22.91
C HIS D 6 1.25 -33.46 23.34
N CYS D 7 1.03 -32.27 23.89
CA CYS D 7 -0.32 -31.90 24.34
C CYS D 7 -1.34 -31.92 23.22
N GLY D 8 -0.90 -31.56 22.01
CA GLY D 8 -1.81 -31.53 20.88
C GLY D 8 -2.14 -30.11 20.49
N ALA D 9 -1.76 -29.18 21.36
CA ALA D 9 -2.01 -27.76 21.15
C ALA D 9 -1.39 -27.27 19.85
N VAL D 10 -0.21 -27.80 19.53
CA VAL D 10 0.46 -27.34 18.32
C VAL D 10 0.65 -28.39 17.24
N GLU D 11 0.22 -28.05 16.03
CA GLU D 11 0.35 -28.93 14.89
C GLU D 11 0.96 -28.16 13.74
N ILE D 12 1.84 -28.82 13.00
CA ILE D 12 2.50 -28.21 11.87
C ILE D 12 2.36 -29.13 10.68
N GLU D 13 2.75 -28.63 9.52
CA GLU D 13 2.73 -29.41 8.29
C GLU D 13 4.08 -29.05 7.68
N VAL D 14 4.85 -30.06 7.28
CA VAL D 14 6.16 -29.77 6.72
C VAL D 14 6.65 -30.82 5.71
N GLU D 15 7.40 -30.35 4.73
CA GLU D 15 7.98 -31.21 3.71
C GLU D 15 9.47 -31.11 3.92
N LEU D 16 10.10 -32.22 4.33
CA LEU D 16 11.53 -32.24 4.58
C LEU D 16 12.33 -32.00 3.31
N LEU D 17 13.45 -31.29 3.45
CA LEU D 17 14.31 -31.00 2.32
C LEU D 17 14.84 -32.28 1.72
N ASN D 18 15.52 -33.07 2.55
CA ASN D 18 16.10 -34.33 2.09
C ASN D 18 15.83 -35.45 3.09
N GLY D 19 14.54 -35.74 3.29
CA GLY D 19 14.15 -36.79 4.21
C GLY D 19 14.86 -36.72 5.55
N PHE D 20 15.26 -37.88 6.06
CA PHE D 20 15.94 -37.98 7.34
C PHE D 20 17.43 -38.28 7.14
N ALA D 21 17.90 -38.13 5.91
CA ALA D 21 19.29 -38.41 5.58
C ALA D 21 20.28 -37.61 6.43
N ASP D 22 19.98 -36.35 6.67
CA ASP D 22 20.88 -35.49 7.42
C ASP D 22 20.49 -35.17 8.86
N ALA D 23 19.70 -36.04 9.47
CA ALA D 23 19.29 -35.83 10.86
C ALA D 23 20.56 -35.73 11.70
N ARG D 24 20.69 -34.67 12.48
CA ARG D 24 21.86 -34.45 13.31
C ARG D 24 21.47 -33.99 14.72
N ARG D 25 22.48 -33.75 15.55
CA ARG D 25 22.28 -33.27 16.91
C ARG D 25 23.33 -32.22 17.24
N CYS D 26 22.92 -30.96 17.32
CA CYS D 26 23.85 -29.89 17.67
C CYS D 26 24.15 -30.09 19.14
N ASP D 27 25.38 -29.86 19.56
CA ASP D 27 25.75 -30.06 20.97
C ASP D 27 26.13 -28.75 21.66
N CYS D 28 25.68 -27.64 21.10
CA CYS D 28 25.98 -26.34 21.70
C CYS D 28 25.20 -26.20 23.02
N SER D 29 25.60 -25.21 23.82
CA SER D 29 24.99 -24.95 25.11
C SER D 29 23.47 -25.07 25.10
N PHE D 30 22.84 -24.57 24.04
CA PHE D 30 21.39 -24.62 23.92
C PHE D 30 20.91 -25.93 23.32
N CYS D 31 21.33 -26.21 22.09
CA CYS D 31 20.92 -27.43 21.40
C CYS D 31 21.08 -28.69 22.28
N ARG D 32 22.19 -28.77 23.02
CA ARG D 32 22.43 -29.92 23.88
C ARG D 32 21.37 -30.07 24.95
N ARG D 33 20.80 -28.94 25.38
CA ARG D 33 19.77 -28.96 26.41
C ARG D 33 18.41 -29.35 25.84
N ARG D 34 18.21 -29.08 24.55
CA ARG D 34 16.98 -29.42 23.85
C ARG D 34 16.94 -30.93 23.65
N GLY D 35 18.11 -31.49 23.36
CA GLY D 35 18.26 -32.93 23.16
C GLY D 35 17.61 -33.58 21.96
N ALA D 36 16.79 -32.86 21.21
CA ALA D 36 16.11 -33.43 20.05
C ALA D 36 16.96 -33.64 18.80
N ILE D 37 16.52 -34.58 17.97
CA ILE D 37 17.17 -34.88 16.70
C ILE D 37 16.45 -33.98 15.68
N ALA D 38 17.20 -33.36 14.77
CA ALA D 38 16.59 -32.46 13.81
C ALA D 38 16.87 -32.70 12.32
N ALA D 39 15.82 -32.53 11.52
CA ALA D 39 15.89 -32.68 10.07
C ALA D 39 15.62 -31.31 9.47
N THR D 40 16.16 -31.06 8.29
CA THR D 40 16.00 -29.77 7.62
C THR D 40 14.71 -29.62 6.80
N ALA D 41 14.33 -28.37 6.56
CA ALA D 41 13.14 -28.04 5.77
C ALA D 41 13.26 -26.57 5.36
N ARG D 42 12.91 -26.28 4.11
CA ARG D 42 12.98 -24.91 3.61
C ARG D 42 11.90 -24.10 4.32
N LEU D 43 12.17 -22.81 4.53
CA LEU D 43 11.20 -21.95 5.19
C LEU D 43 9.83 -22.05 4.54
N SER D 44 9.81 -22.23 3.22
CA SER D 44 8.56 -22.31 2.48
C SER D 44 7.96 -23.71 2.47
N ASP D 45 8.59 -24.64 3.18
CA ASP D 45 8.08 -26.01 3.24
C ASP D 45 7.54 -26.40 4.61
N LEU D 46 7.48 -25.43 5.52
CA LEU D 46 6.97 -25.69 6.85
C LEU D 46 5.98 -24.60 7.26
N ARG D 47 4.78 -25.02 7.62
CA ARG D 47 3.74 -24.10 8.04
C ARG D 47 3.10 -24.60 9.33
N VAL D 48 2.81 -23.69 10.25
CA VAL D 48 2.16 -24.06 11.51
C VAL D 48 0.67 -24.13 11.20
N VAL D 49 0.08 -25.30 11.37
CA VAL D 49 -1.33 -25.49 11.09
C VAL D 49 -2.26 -24.91 12.15
N ARG D 50 -1.96 -25.18 13.41
CA ARG D 50 -2.80 -24.69 14.49
C ARG D 50 -1.98 -24.53 15.77
N GLY D 51 -2.52 -23.77 16.72
CA GLY D 51 -1.84 -23.56 17.98
C GLY D 51 -0.63 -22.66 17.90
N ALA D 52 -0.54 -21.86 16.83
CA ALA D 52 0.59 -20.95 16.69
C ALA D 52 0.60 -19.95 17.84
N GLU D 53 -0.54 -19.77 18.50
CA GLU D 53 -0.62 -18.82 19.60
C GLU D 53 -0.21 -19.46 20.91
N ASN D 54 0.03 -20.76 20.87
CA ASN D 54 0.43 -21.48 22.08
C ASN D 54 1.92 -21.81 22.06
N LEU D 55 2.61 -21.31 21.04
CA LEU D 55 4.05 -21.54 20.92
C LEU D 55 4.81 -20.36 21.50
N THR D 56 5.82 -20.66 22.31
CA THR D 56 6.65 -19.62 22.91
C THR D 56 7.92 -19.46 22.07
N LEU D 57 8.29 -18.22 21.81
CA LEU D 57 9.48 -17.92 21.04
C LEU D 57 10.63 -17.64 22.00
N TYR D 58 11.84 -18.02 21.60
CA TYR D 58 13.02 -17.79 22.43
C TYR D 58 14.22 -17.47 21.54
N GLN D 59 14.91 -16.38 21.85
CA GLN D 59 16.08 -15.98 21.09
C GLN D 59 17.21 -15.60 22.02
N PHE D 60 18.44 -15.74 21.53
CA PHE D 60 19.63 -15.42 22.29
C PHE D 60 20.79 -15.23 21.32
N GLY D 61 21.93 -14.78 21.83
CA GLY D 61 23.08 -14.57 20.98
C GLY D 61 22.85 -13.41 20.02
N THR D 62 23.04 -13.67 18.72
CA THR D 62 22.84 -12.63 17.72
C THR D 62 21.36 -12.39 17.52
N ARG D 63 20.54 -13.26 18.11
CA ARG D 63 19.09 -13.15 18.00
C ARG D 63 18.71 -13.22 16.52
N THR D 64 19.40 -14.09 15.79
CA THR D 64 19.14 -14.29 14.37
C THR D 64 18.30 -15.55 14.21
N ALA D 65 18.48 -16.48 15.14
CA ALA D 65 17.76 -17.75 15.13
C ALA D 65 16.46 -17.68 15.92
N LYS D 66 15.43 -18.36 15.45
CA LYS D 66 14.14 -18.38 16.12
C LYS D 66 13.85 -19.79 16.65
N HIS D 67 13.64 -19.89 17.96
CA HIS D 67 13.37 -21.18 18.59
C HIS D 67 11.97 -21.20 19.19
N TRP D 68 11.20 -22.21 18.82
CA TRP D 68 9.84 -22.35 19.28
C TRP D 68 9.56 -23.61 20.09
N PHE D 69 8.60 -23.53 20.99
CA PHE D 69 8.22 -24.70 21.80
C PHE D 69 6.84 -24.49 22.40
N CYS D 70 6.08 -25.58 22.52
CA CYS D 70 4.73 -25.54 23.09
C CYS D 70 4.84 -24.98 24.50
N ARG D 71 4.04 -23.97 24.82
CA ARG D 71 4.07 -23.36 26.15
C ARG D 71 3.40 -24.24 27.19
N THR D 72 2.66 -25.24 26.73
CA THR D 72 1.94 -26.13 27.64
C THR D 72 2.70 -27.44 27.91
N CYS D 73 3.15 -28.10 26.85
CA CYS D 73 3.88 -29.36 27.01
C CYS D 73 5.40 -29.20 26.99
N GLY D 74 5.87 -28.00 26.63
CA GLY D 74 7.30 -27.74 26.59
C GLY D 74 8.06 -28.41 25.46
N ILE D 75 7.35 -29.04 24.53
CA ILE D 75 7.98 -29.72 23.42
C ILE D 75 8.44 -28.80 22.30
N TYR D 76 9.74 -28.86 22.01
CA TYR D 76 10.32 -28.06 20.94
C TYR D 76 9.81 -28.64 19.62
N THR D 77 9.19 -27.79 18.79
CA THR D 77 8.69 -28.27 17.51
C THR D 77 9.64 -27.99 16.35
N HIS D 78 10.10 -26.76 16.22
CA HIS D 78 11.01 -26.38 15.13
C HIS D 78 11.72 -25.06 15.40
N HIS D 79 12.68 -24.72 14.52
CA HIS D 79 13.42 -23.47 14.67
C HIS D 79 14.07 -23.05 13.36
N GLN D 80 14.27 -21.74 13.22
CA GLN D 80 14.91 -21.19 12.02
C GLN D 80 16.41 -21.14 12.28
N ARG D 81 17.16 -21.96 11.56
CA ARG D 81 18.61 -22.03 11.72
C ARG D 81 19.32 -20.68 11.56
N ARG D 82 20.34 -20.48 12.39
CA ARG D 82 21.14 -19.27 12.36
C ARG D 82 22.12 -19.36 11.20
N SER D 83 22.64 -20.58 10.99
CA SER D 83 23.60 -20.82 9.91
C SER D 83 22.99 -20.47 8.57
N ASN D 84 21.77 -20.89 8.35
CA ASN D 84 21.03 -20.61 7.12
C ASN D 84 19.60 -20.16 7.38
N PRO D 85 19.35 -18.84 7.33
CA PRO D 85 18.03 -18.26 7.60
C PRO D 85 16.90 -18.79 6.70
N GLU D 86 17.27 -19.50 5.64
CA GLU D 86 16.29 -20.04 4.71
C GLU D 86 15.84 -21.45 5.10
N GLU D 87 16.26 -21.92 6.26
CA GLU D 87 15.88 -23.26 6.69
C GLU D 87 15.37 -23.38 8.12
N TYR D 88 14.50 -24.36 8.33
CA TYR D 88 13.95 -24.64 9.65
C TYR D 88 14.61 -25.94 10.08
N GLY D 89 14.51 -26.22 11.37
CA GLY D 89 15.03 -27.44 11.93
C GLY D 89 13.77 -28.01 12.56
N VAL D 90 13.48 -29.28 12.32
CA VAL D 90 12.27 -29.88 12.88
C VAL D 90 12.61 -31.04 13.81
N ASN D 91 11.89 -31.08 14.93
CA ASN D 91 12.06 -32.14 15.92
C ASN D 91 11.43 -33.39 15.30
N VAL D 92 12.25 -34.28 14.76
CA VAL D 92 11.74 -35.50 14.12
C VAL D 92 10.76 -36.28 14.97
N ALA D 93 10.84 -36.12 16.29
CA ALA D 93 9.95 -36.84 17.19
C ALA D 93 8.50 -36.38 17.18
N ILE D 94 8.23 -35.19 16.68
CA ILE D 94 6.84 -34.71 16.63
C ILE D 94 6.16 -35.15 15.35
N LEU D 95 6.93 -35.68 14.41
CA LEU D 95 6.39 -36.13 13.13
C LEU D 95 5.65 -37.45 13.27
N GLU D 96 4.36 -37.42 12.95
CA GLU D 96 3.47 -38.58 13.04
C GLU D 96 4.03 -39.88 12.46
N GLY D 97 4.17 -40.88 13.32
CA GLY D 97 4.67 -42.18 12.90
C GLY D 97 6.18 -42.31 12.85
N VAL D 98 6.89 -41.46 13.58
CA VAL D 98 8.35 -41.50 13.59
C VAL D 98 8.96 -41.68 14.96
N ASN D 99 9.34 -42.91 15.29
CA ASN D 99 9.97 -43.16 16.57
C ASN D 99 11.43 -42.82 16.33
N PRO D 100 11.96 -41.81 17.03
CA PRO D 100 13.36 -41.41 16.86
C PRO D 100 14.33 -42.56 17.10
N ARG D 101 13.89 -43.54 17.88
CA ARG D 101 14.71 -44.70 18.18
C ARG D 101 15.14 -45.43 16.90
N ASP D 102 14.23 -45.47 15.92
CA ASP D 102 14.50 -46.15 14.66
C ASP D 102 15.49 -45.49 13.71
N LEU D 103 16.01 -44.32 14.08
CA LEU D 103 16.98 -43.64 13.22
C LEU D 103 18.39 -44.13 13.52
N GLY D 104 18.50 -45.03 14.48
CA GLY D 104 19.81 -45.57 14.85
C GLY D 104 20.70 -44.51 15.47
N GLU D 105 21.98 -44.56 15.16
CA GLU D 105 22.94 -43.60 15.69
C GLU D 105 23.01 -42.41 14.74
N VAL D 106 22.79 -41.20 15.25
CA VAL D 106 22.86 -40.01 14.40
C VAL D 106 24.02 -39.11 14.81
N PRO D 107 24.69 -38.49 13.83
CA PRO D 107 25.84 -37.60 14.03
C PRO D 107 25.60 -36.41 14.95
N TRP D 108 26.68 -35.88 15.50
CA TRP D 108 26.61 -34.70 16.36
C TRP D 108 27.20 -33.54 15.56
N THR D 109 26.53 -32.39 15.60
CA THR D 109 27.00 -31.22 14.89
C THR D 109 27.66 -30.27 15.88
N MET E 1 -29.80 -11.46 -8.56
CA MET E 1 -30.37 -10.14 -8.17
C MET E 1 -31.84 -10.06 -8.59
N LYS E 2 -32.70 -9.75 -7.62
CA LYS E 2 -34.14 -9.66 -7.83
C LYS E 2 -34.58 -8.26 -8.27
N GLY E 3 -35.52 -8.21 -9.20
CA GLY E 3 -36.03 -6.94 -9.68
C GLY E 3 -37.55 -6.98 -9.73
N THR E 4 -38.20 -5.87 -9.40
CA THR E 4 -39.66 -5.82 -9.41
C THR E 4 -40.21 -4.46 -9.77
N CYS E 5 -41.33 -4.46 -10.50
CA CYS E 5 -41.99 -3.24 -10.90
C CYS E 5 -42.63 -2.67 -9.62
N HIS E 6 -43.17 -1.47 -9.70
CA HIS E 6 -43.80 -0.89 -8.53
C HIS E 6 -45.12 -1.58 -8.20
N CYS E 7 -45.85 -1.99 -9.23
CA CYS E 7 -47.15 -2.68 -9.07
C CYS E 7 -46.96 -3.91 -8.19
N GLY E 8 -45.85 -4.62 -8.42
CA GLY E 8 -45.57 -5.82 -7.69
C GLY E 8 -45.95 -7.02 -8.54
N ALA E 9 -46.59 -6.74 -9.67
CA ALA E 9 -47.04 -7.79 -10.59
C ALA E 9 -45.86 -8.51 -11.24
N VAL E 10 -44.92 -7.76 -11.77
CA VAL E 10 -43.76 -8.35 -12.43
C VAL E 10 -42.52 -8.50 -11.55
N GLU E 11 -41.88 -9.67 -11.64
CA GLU E 11 -40.67 -9.96 -10.88
C GLU E 11 -39.67 -10.66 -11.79
N ILE E 12 -38.42 -10.19 -11.78
CA ILE E 12 -37.40 -10.79 -12.61
C ILE E 12 -36.14 -11.18 -11.84
N GLU E 13 -35.33 -12.05 -12.43
CA GLU E 13 -34.08 -12.47 -11.82
C GLU E 13 -33.00 -12.15 -12.83
N VAL E 14 -31.94 -11.48 -12.40
CA VAL E 14 -30.89 -11.12 -13.33
C VAL E 14 -29.47 -11.08 -12.75
N GLU E 15 -28.50 -11.40 -13.61
CA GLU E 15 -27.10 -11.39 -13.24
C GLU E 15 -26.45 -10.33 -14.12
N LEU E 16 -26.16 -9.17 -13.52
CA LEU E 16 -25.55 -8.08 -14.25
C LEU E 16 -24.22 -8.46 -14.85
N LEU E 17 -24.04 -8.16 -16.13
CA LEU E 17 -22.80 -8.49 -16.82
C LEU E 17 -21.59 -7.91 -16.11
N ASN E 18 -21.64 -6.60 -15.85
CA ASN E 18 -20.53 -5.92 -15.19
C ASN E 18 -21.04 -4.92 -14.15
N GLY E 19 -21.76 -5.44 -13.16
CA GLY E 19 -22.29 -4.60 -12.11
C GLY E 19 -22.93 -3.34 -12.61
N PHE E 20 -22.67 -2.23 -11.92
CA PHE E 20 -23.21 -0.93 -12.27
C PHE E 20 -22.14 -0.01 -12.82
N ALA E 21 -21.06 -0.59 -13.34
CA ALA E 21 -19.96 0.20 -13.88
C ALA E 21 -20.37 1.01 -15.11
N ASP E 22 -20.89 0.33 -16.12
CA ASP E 22 -21.29 0.99 -17.35
C ASP E 22 -22.71 1.57 -17.35
N ALA E 23 -23.24 1.86 -16.16
CA ALA E 23 -24.59 2.43 -16.05
C ALA E 23 -24.67 3.74 -16.83
N ARG E 24 -25.66 3.85 -17.73
CA ARG E 24 -25.81 5.05 -18.53
C ARG E 24 -27.27 5.43 -18.83
N ARG E 25 -27.42 6.45 -19.68
CA ARG E 25 -28.74 6.94 -20.08
C ARG E 25 -28.75 7.26 -21.58
N CYS E 26 -29.55 6.53 -22.35
CA CYS E 26 -29.67 6.78 -23.79
C CYS E 26 -30.55 8.02 -23.92
N ASP E 27 -30.22 8.92 -24.84
CA ASP E 27 -31.03 10.12 -25.01
C ASP E 27 -31.78 10.15 -26.34
N CYS E 28 -32.00 8.97 -26.93
CA CYS E 28 -32.73 8.90 -28.18
C CYS E 28 -34.16 9.35 -27.85
N SER E 29 -34.97 9.61 -28.88
CA SER E 29 -36.35 10.05 -28.68
C SER E 29 -37.15 9.14 -27.74
N PHE E 30 -36.82 7.85 -27.73
CA PHE E 30 -37.52 6.92 -26.87
C PHE E 30 -36.93 6.85 -25.46
N CYS E 31 -35.65 6.50 -25.38
CA CYS E 31 -34.97 6.37 -24.09
C CYS E 31 -35.10 7.60 -23.19
N ARG E 32 -35.02 8.80 -23.77
CA ARG E 32 -35.13 10.01 -22.98
C ARG E 32 -36.49 10.04 -22.31
N ARG E 33 -37.50 9.49 -22.99
CA ARG E 33 -38.85 9.44 -22.48
C ARG E 33 -39.01 8.40 -21.38
N ARG E 34 -38.34 7.25 -21.54
CA ARG E 34 -38.40 6.21 -20.50
C ARG E 34 -37.69 6.80 -19.29
N GLY E 35 -36.59 7.51 -19.55
CA GLY E 35 -35.82 8.16 -18.50
C GLY E 35 -35.30 7.30 -17.37
N ALA E 36 -34.69 6.17 -17.69
CA ALA E 36 -34.17 5.31 -16.63
C ALA E 36 -32.68 5.07 -16.81
N ILE E 37 -32.02 4.68 -15.73
CA ILE E 37 -30.60 4.35 -15.78
C ILE E 37 -30.60 2.87 -16.12
N ALA E 38 -29.82 2.48 -17.12
CA ALA E 38 -29.77 1.09 -17.53
C ALA E 38 -28.41 0.42 -17.36
N ALA E 39 -28.43 -0.87 -17.04
CA ALA E 39 -27.22 -1.66 -16.86
C ALA E 39 -27.33 -2.93 -17.71
N THR E 40 -26.19 -3.38 -18.25
CA THR E 40 -26.18 -4.55 -19.12
C THR E 40 -26.28 -5.90 -18.40
N ALA E 41 -26.76 -6.90 -19.13
CA ALA E 41 -26.93 -8.26 -18.62
C ALA E 41 -27.13 -9.19 -19.80
N ARG E 42 -26.35 -10.27 -19.86
CA ARG E 42 -26.47 -11.23 -20.96
C ARG E 42 -27.89 -11.79 -21.03
N LEU E 43 -28.32 -12.18 -22.22
CA LEU E 43 -29.65 -12.75 -22.41
C LEU E 43 -29.84 -13.98 -21.55
N SER E 44 -28.76 -14.72 -21.34
CA SER E 44 -28.81 -15.94 -20.54
C SER E 44 -28.70 -15.67 -19.05
N ASP E 45 -28.67 -14.40 -18.66
CA ASP E 45 -28.56 -14.05 -17.24
C ASP E 45 -29.80 -13.36 -16.70
N LEU E 46 -30.77 -13.08 -17.57
CA LEU E 46 -31.99 -12.42 -17.15
C LEU E 46 -33.21 -13.24 -17.51
N ARG E 47 -34.09 -13.43 -16.54
CA ARG E 47 -35.32 -14.19 -16.78
C ARG E 47 -36.46 -13.65 -15.94
N VAL E 48 -37.66 -13.65 -16.52
CA VAL E 48 -38.84 -13.18 -15.82
C VAL E 48 -39.28 -14.28 -14.87
N VAL E 49 -39.35 -13.95 -13.59
CA VAL E 49 -39.75 -14.92 -12.58
C VAL E 49 -41.26 -15.00 -12.42
N ARG E 50 -41.94 -13.87 -12.59
CA ARG E 50 -43.39 -13.82 -12.47
C ARG E 50 -44.00 -12.58 -13.12
N GLY E 51 -45.27 -12.67 -13.50
CA GLY E 51 -45.93 -11.54 -14.11
C GLY E 51 -45.69 -11.37 -15.59
N ALA E 52 -44.99 -12.31 -16.22
CA ALA E 52 -44.71 -12.20 -17.65
C ALA E 52 -45.95 -11.80 -18.43
N GLU E 53 -47.09 -12.37 -18.04
CA GLU E 53 -48.35 -12.07 -18.71
C GLU E 53 -48.77 -10.60 -18.55
N ASN E 54 -48.24 -9.95 -17.52
CA ASN E 54 -48.59 -8.56 -17.26
C ASN E 54 -47.63 -7.56 -17.89
N LEU E 55 -46.65 -8.07 -18.65
CA LEU E 55 -45.68 -7.21 -19.32
C LEU E 55 -46.17 -6.91 -20.73
N THR E 56 -46.05 -5.67 -21.15
CA THR E 56 -46.45 -5.25 -22.49
C THR E 56 -45.18 -5.15 -23.34
N LEU E 57 -45.26 -5.62 -24.59
CA LEU E 57 -44.13 -5.58 -25.50
C LEU E 57 -44.31 -4.47 -26.53
N TYR E 58 -43.29 -3.63 -26.67
CA TYR E 58 -43.33 -2.53 -27.63
C TYR E 58 -42.09 -2.54 -28.52
N GLN E 59 -42.31 -2.35 -29.82
CA GLN E 59 -41.23 -2.35 -30.80
C GLN E 59 -41.44 -1.27 -31.85
N PHE E 60 -40.34 -0.82 -32.46
CA PHE E 60 -40.40 0.21 -33.48
C PHE E 60 -39.10 0.26 -34.28
N GLY E 61 -39.12 0.98 -35.41
CA GLY E 61 -37.93 1.08 -36.25
C GLY E 61 -37.53 -0.26 -36.84
N THR E 62 -36.26 -0.62 -36.66
CA THR E 62 -35.75 -1.88 -37.16
C THR E 62 -36.55 -3.02 -36.53
N ARG E 63 -37.23 -2.70 -35.43
CA ARG E 63 -38.03 -3.66 -34.70
C ARG E 63 -37.18 -4.83 -34.23
N THR E 64 -35.87 -4.64 -34.25
CA THR E 64 -34.95 -5.68 -33.80
C THR E 64 -35.06 -5.71 -32.28
N ALA E 65 -34.94 -4.55 -31.67
CA ALA E 65 -35.01 -4.40 -30.22
C ALA E 65 -36.39 -4.71 -29.67
N LYS E 66 -36.43 -5.13 -28.41
CA LYS E 66 -37.66 -5.46 -27.72
C LYS E 66 -37.72 -4.73 -26.38
N HIS E 67 -38.80 -3.98 -26.17
CA HIS E 67 -38.98 -3.21 -24.94
C HIS E 67 -40.17 -3.73 -24.13
N TRP E 68 -39.98 -3.86 -22.82
CA TRP E 68 -41.04 -4.36 -21.95
C TRP E 68 -41.33 -3.41 -20.80
N PHE E 69 -42.61 -3.36 -20.40
CA PHE E 69 -43.01 -2.53 -19.28
C PHE E 69 -44.30 -3.08 -18.68
N CYS E 70 -44.41 -3.00 -17.36
CA CYS E 70 -45.59 -3.49 -16.67
C CYS E 70 -46.83 -2.75 -17.20
N ARG E 71 -47.90 -3.47 -17.50
CA ARG E 71 -49.10 -2.85 -18.04
C ARG E 71 -49.98 -2.20 -16.97
N THR E 72 -49.65 -2.43 -15.71
CA THR E 72 -50.43 -1.88 -14.62
C THR E 72 -49.81 -0.57 -14.13
N CYS E 73 -48.60 -0.66 -13.60
CA CYS E 73 -47.93 0.53 -13.09
C CYS E 73 -47.14 1.26 -14.16
N GLY E 74 -47.02 0.62 -15.33
CA GLY E 74 -46.32 1.21 -16.47
C GLY E 74 -44.83 1.37 -16.30
N ILE E 75 -44.24 0.58 -15.42
CA ILE E 75 -42.81 0.68 -15.15
C ILE E 75 -41.92 -0.16 -16.06
N TYR E 76 -40.97 0.53 -16.71
CA TYR E 76 -40.02 -0.12 -17.59
C TYR E 76 -39.12 -1.02 -16.77
N THR E 77 -39.11 -2.31 -17.10
CA THR E 77 -38.30 -3.27 -16.38
C THR E 77 -37.01 -3.58 -17.13
N HIS E 78 -37.15 -3.97 -18.40
CA HIS E 78 -35.98 -4.28 -19.22
C HIS E 78 -36.27 -4.29 -20.70
N HIS E 79 -35.22 -4.40 -21.50
CA HIS E 79 -35.36 -4.42 -22.95
C HIS E 79 -34.17 -5.11 -23.60
N GLN E 80 -34.43 -5.83 -24.68
CA GLN E 80 -33.38 -6.51 -25.42
C GLN E 80 -32.72 -5.46 -26.30
N ARG E 81 -31.46 -5.15 -26.02
CA ARG E 81 -30.73 -4.13 -26.79
C ARG E 81 -30.78 -4.34 -28.30
N ARG E 82 -30.70 -3.24 -29.03
CA ARG E 82 -30.70 -3.29 -30.49
C ARG E 82 -29.27 -3.47 -30.96
N SER E 83 -28.39 -2.62 -30.45
CA SER E 83 -26.97 -2.67 -30.83
C SER E 83 -26.38 -4.06 -30.60
N ASN E 84 -26.95 -4.80 -29.69
CA ASN E 84 -26.50 -6.16 -29.39
C ASN E 84 -27.65 -7.07 -28.98
N PRO E 85 -28.16 -7.86 -29.93
CA PRO E 85 -29.28 -8.79 -29.69
C PRO E 85 -28.99 -9.84 -28.61
N GLU E 86 -27.79 -9.80 -28.03
CA GLU E 86 -27.42 -10.77 -27.01
C GLU E 86 -27.33 -10.15 -25.62
N GLU E 87 -27.79 -8.91 -25.48
CA GLU E 87 -27.74 -8.24 -24.18
C GLU E 87 -29.05 -7.56 -23.82
N TYR E 88 -29.28 -7.47 -22.51
CA TYR E 88 -30.47 -6.83 -21.97
C TYR E 88 -30.08 -5.53 -21.31
N GLY E 89 -31.05 -4.63 -21.18
CA GLY E 89 -30.82 -3.37 -20.51
C GLY E 89 -31.78 -3.48 -19.34
N VAL E 90 -31.33 -3.17 -18.14
CA VAL E 90 -32.20 -3.28 -16.98
C VAL E 90 -32.32 -2.00 -16.16
N ASN E 91 -33.56 -1.58 -15.94
CA ASN E 91 -33.89 -0.39 -15.16
C ASN E 91 -33.31 -0.62 -13.77
N VAL E 92 -32.18 0.02 -13.47
CA VAL E 92 -31.54 -0.13 -12.16
C VAL E 92 -32.47 0.11 -10.99
N ALA E 93 -33.42 1.02 -11.16
CA ALA E 93 -34.36 1.35 -10.08
C ALA E 93 -35.28 0.21 -9.65
N ILE E 94 -35.40 -0.82 -10.48
CA ILE E 94 -36.28 -1.93 -10.10
C ILE E 94 -35.57 -2.99 -9.26
N LEU E 95 -34.23 -2.96 -9.29
CA LEU E 95 -33.42 -3.93 -8.56
C LEU E 95 -33.46 -3.71 -7.05
N GLU E 96 -33.81 -4.75 -6.31
CA GLU E 96 -33.93 -4.69 -4.86
C GLU E 96 -32.78 -4.02 -4.13
N GLY E 97 -33.11 -3.01 -3.33
CA GLY E 97 -32.12 -2.29 -2.54
C GLY E 97 -31.28 -1.28 -3.28
N VAL E 98 -31.63 -0.98 -4.53
CA VAL E 98 -30.85 -0.02 -5.29
C VAL E 98 -31.57 1.29 -5.58
N ASN E 99 -31.19 2.34 -4.85
CA ASN E 99 -31.78 3.66 -5.04
C ASN E 99 -30.93 4.36 -6.09
N PRO E 100 -31.50 4.61 -7.27
CA PRO E 100 -30.78 5.26 -8.37
C PRO E 100 -30.02 6.53 -7.98
N ARG E 101 -30.49 7.23 -6.96
CA ARG E 101 -29.83 8.46 -6.50
C ARG E 101 -28.37 8.19 -6.10
N ASP E 102 -28.14 7.04 -5.47
CA ASP E 102 -26.79 6.66 -5.01
C ASP E 102 -25.81 6.30 -6.13
N LEU E 103 -26.25 6.41 -7.38
CA LEU E 103 -25.36 6.11 -8.49
C LEU E 103 -24.62 7.39 -8.84
N GLY E 104 -25.16 8.50 -8.36
CA GLY E 104 -24.54 9.80 -8.61
C GLY E 104 -24.65 10.22 -10.07
N GLU E 105 -23.81 11.16 -10.45
CA GLU E 105 -23.78 11.67 -11.82
C GLU E 105 -23.45 10.52 -12.78
N VAL E 106 -24.35 10.22 -13.71
CA VAL E 106 -24.12 9.15 -14.68
C VAL E 106 -24.14 9.70 -16.09
N PRO E 107 -23.35 9.12 -17.00
CA PRO E 107 -23.24 9.54 -18.40
C PRO E 107 -24.44 9.24 -19.30
N TRP E 108 -24.44 9.90 -20.46
CA TRP E 108 -25.49 9.72 -21.46
C TRP E 108 -24.89 8.99 -22.66
N THR E 109 -25.63 8.01 -23.19
CA THR E 109 -25.17 7.25 -24.34
C THR E 109 -25.70 7.87 -25.63
N MET F 1 27.06 -4.74 -20.78
CA MET F 1 27.13 -4.56 -22.26
C MET F 1 26.15 -3.47 -22.69
N LYS F 2 26.64 -2.49 -23.43
CA LYS F 2 25.83 -1.38 -23.90
C LYS F 2 25.15 -1.70 -25.23
N GLY F 3 23.91 -1.22 -25.38
CA GLY F 3 23.16 -1.46 -26.60
C GLY F 3 22.35 -0.22 -26.93
N THR F 4 22.47 0.26 -28.16
CA THR F 4 21.73 1.45 -28.55
C THR F 4 21.13 1.33 -29.95
N CYS F 5 20.03 2.03 -30.18
CA CYS F 5 19.40 2.03 -31.49
C CYS F 5 20.23 3.00 -32.31
N HIS F 6 19.90 3.14 -33.58
CA HIS F 6 20.65 4.04 -34.45
C HIS F 6 20.37 5.49 -34.06
N CYS F 7 19.11 5.80 -33.78
CA CYS F 7 18.70 7.15 -33.38
C CYS F 7 19.57 7.61 -32.21
N GLY F 8 19.84 6.69 -31.30
CA GLY F 8 20.62 7.02 -30.12
C GLY F 8 19.64 7.36 -29.00
N ALA F 9 18.38 7.57 -29.40
CA ALA F 9 17.30 7.90 -28.49
C ALA F 9 17.11 6.86 -27.40
N VAL F 10 17.19 5.58 -27.77
CA VAL F 10 17.03 4.48 -26.83
C VAL F 10 18.34 3.77 -26.51
N GLU F 11 18.65 3.66 -25.22
CA GLU F 11 19.86 2.98 -24.77
C GLU F 11 19.52 1.94 -23.70
N ILE F 12 20.21 0.82 -23.74
CA ILE F 12 19.98 -0.24 -22.77
C ILE F 12 21.29 -0.81 -22.24
N GLU F 13 21.18 -1.60 -21.18
CA GLU F 13 22.32 -2.27 -20.58
C GLU F 13 21.84 -3.68 -20.31
N VAL F 14 22.59 -4.69 -20.75
CA VAL F 14 22.15 -6.05 -20.54
C VAL F 14 23.27 -7.06 -20.35
N GLU F 15 22.96 -8.15 -19.65
CA GLU F 15 23.90 -9.24 -19.41
C GLU F 15 23.30 -10.42 -20.16
N LEU F 16 24.00 -10.89 -21.19
CA LEU F 16 23.52 -12.02 -21.97
C LEU F 16 23.54 -13.31 -21.17
N LEU F 17 22.50 -14.11 -21.31
CA LEU F 17 22.40 -15.38 -20.59
C LEU F 17 23.63 -16.26 -20.83
N ASN F 18 23.96 -16.49 -22.10
CA ASN F 18 25.11 -17.30 -22.45
C ASN F 18 25.76 -16.84 -23.73
N GLY F 19 26.33 -15.64 -23.69
CA GLY F 19 27.01 -15.08 -24.84
C GLY F 19 26.20 -15.09 -26.13
N PHE F 20 26.91 -15.23 -27.24
CA PHE F 20 26.30 -15.24 -28.57
C PHE F 20 26.24 -16.65 -29.14
N ALA F 21 26.62 -17.63 -28.32
CA ALA F 21 26.61 -19.03 -28.72
C ALA F 21 25.26 -19.48 -29.26
N ASP F 22 24.19 -18.98 -28.68
CA ASP F 22 22.83 -19.34 -29.08
C ASP F 22 22.19 -18.39 -30.07
N ALA F 23 22.97 -17.51 -30.68
CA ALA F 23 22.45 -16.53 -31.64
C ALA F 23 21.65 -17.23 -32.74
N ARG F 24 20.50 -16.66 -33.09
CA ARG F 24 19.67 -17.25 -34.14
C ARG F 24 18.60 -16.32 -34.73
N ARG F 25 18.02 -16.74 -35.84
CA ARG F 25 16.97 -15.96 -36.51
C ARG F 25 15.65 -16.74 -36.57
N CYS F 26 14.58 -16.13 -36.06
CA CYS F 26 13.25 -16.77 -36.10
C CYS F 26 12.74 -16.51 -37.52
N ASP F 27 12.10 -17.51 -38.14
CA ASP F 27 11.60 -17.32 -39.49
C ASP F 27 10.09 -17.19 -39.56
N CYS F 28 9.46 -16.85 -38.43
CA CYS F 28 8.00 -16.68 -38.41
C CYS F 28 7.64 -15.42 -39.20
N SER F 29 6.38 -15.35 -39.61
CA SER F 29 5.87 -14.21 -40.38
C SER F 29 6.37 -12.85 -39.92
N PHE F 30 6.49 -12.68 -38.61
CA PHE F 30 6.95 -11.41 -38.04
C PHE F 30 8.47 -11.30 -38.01
N CYS F 31 9.12 -12.26 -37.34
CA CYS F 31 10.57 -12.27 -37.21
C CYS F 31 11.30 -12.24 -38.56
N ARG F 32 10.73 -12.90 -39.56
CA ARG F 32 11.36 -12.91 -40.87
C ARG F 32 11.39 -11.48 -41.38
N ARG F 33 10.38 -10.71 -40.99
CA ARG F 33 10.29 -9.32 -41.41
C ARG F 33 11.25 -8.42 -40.65
N ARG F 34 11.55 -8.77 -39.39
CA ARG F 34 12.51 -7.98 -38.63
C ARG F 34 13.91 -8.39 -39.10
N GLY F 35 14.05 -9.65 -39.47
CA GLY F 35 15.30 -10.18 -39.99
C GLY F 35 16.55 -10.19 -39.12
N ALA F 36 16.45 -9.68 -37.90
CA ALA F 36 17.61 -9.61 -37.01
C ALA F 36 18.03 -10.92 -36.35
N ILE F 37 19.24 -10.90 -35.79
CA ILE F 37 19.82 -12.04 -35.08
C ILE F 37 19.71 -11.70 -33.60
N ALA F 38 19.12 -12.59 -32.80
CA ALA F 38 18.93 -12.34 -31.38
C ALA F 38 19.66 -13.29 -30.45
N ALA F 39 20.02 -12.77 -29.29
CA ALA F 39 20.70 -13.51 -28.23
C ALA F 39 19.79 -13.49 -27.01
N THR F 40 19.93 -14.48 -26.14
CA THR F 40 19.08 -14.56 -24.96
C THR F 40 19.57 -13.73 -23.78
N ALA F 41 18.61 -13.12 -23.09
CA ALA F 41 18.90 -12.30 -21.91
C ALA F 41 17.78 -12.56 -20.92
N ARG F 42 18.12 -12.63 -19.63
CA ARG F 42 17.12 -12.86 -18.62
C ARG F 42 16.39 -11.55 -18.35
N LEU F 43 15.15 -11.64 -17.89
CA LEU F 43 14.36 -10.46 -17.59
C LEU F 43 15.09 -9.55 -16.60
N SER F 44 15.78 -10.16 -15.64
CA SER F 44 16.50 -9.40 -14.63
C SER F 44 17.87 -8.93 -15.09
N ASP F 45 18.27 -9.32 -16.30
CA ASP F 45 19.58 -8.95 -16.81
C ASP F 45 19.55 -7.85 -17.87
N LEU F 46 18.34 -7.44 -18.27
CA LEU F 46 18.20 -6.39 -19.25
C LEU F 46 17.45 -5.21 -18.64
N ARG F 47 17.94 -4.01 -18.91
CA ARG F 47 17.33 -2.81 -18.39
C ARG F 47 17.50 -1.65 -19.37
N VAL F 48 16.43 -0.89 -19.58
CA VAL F 48 16.51 0.26 -20.48
C VAL F 48 17.09 1.41 -19.67
N VAL F 49 18.21 1.95 -20.15
CA VAL F 49 18.86 3.06 -19.45
C VAL F 49 18.24 4.41 -19.76
N ARG F 50 17.78 4.57 -21.01
CA ARG F 50 17.17 5.82 -21.43
C ARG F 50 16.41 5.63 -22.74
N GLY F 51 15.43 6.50 -22.97
CA GLY F 51 14.65 6.42 -24.19
C GLY F 51 13.53 5.41 -24.16
N ALA F 52 13.22 4.87 -22.99
CA ALA F 52 12.16 3.88 -22.87
C ALA F 52 10.82 4.44 -23.36
N GLU F 53 10.61 5.74 -23.16
CA GLU F 53 9.36 6.35 -23.59
C GLU F 53 9.33 6.52 -25.10
N ASN F 54 10.42 6.17 -25.77
CA ASN F 54 10.48 6.29 -27.22
C ASN F 54 10.39 4.92 -27.87
N LEU F 55 10.09 3.92 -27.05
CA LEU F 55 9.95 2.55 -27.52
C LEU F 55 8.48 2.25 -27.80
N THR F 56 8.19 1.80 -29.01
CA THR F 56 6.82 1.45 -29.37
C THR F 56 6.64 -0.04 -29.05
N LEU F 57 5.47 -0.40 -28.53
CA LEU F 57 5.16 -1.78 -28.19
C LEU F 57 4.20 -2.35 -29.21
N TYR F 58 4.43 -3.62 -29.56
CA TYR F 58 3.61 -4.30 -30.54
C TYR F 58 3.35 -5.73 -30.13
N GLN F 59 2.08 -6.12 -30.14
CA GLN F 59 1.69 -7.47 -29.77
C GLN F 59 0.63 -8.00 -30.72
N PHE F 60 0.73 -9.29 -31.04
CA PHE F 60 -0.23 -9.93 -31.93
C PHE F 60 -0.45 -11.37 -31.49
N GLY F 61 -1.31 -12.08 -32.21
CA GLY F 61 -1.61 -13.46 -31.84
C GLY F 61 -1.99 -13.58 -30.38
N THR F 62 -1.34 -14.49 -29.67
CA THR F 62 -1.61 -14.72 -28.26
C THR F 62 -1.30 -13.49 -27.40
N ARG F 63 -0.70 -12.48 -28.01
CA ARG F 63 -0.34 -11.25 -27.32
C ARG F 63 0.41 -11.56 -26.03
N THR F 64 1.12 -12.68 -26.04
CA THR F 64 1.91 -13.13 -24.89
C THR F 64 3.29 -12.50 -24.97
N ALA F 65 3.78 -12.34 -26.20
CA ALA F 65 5.09 -11.76 -26.42
C ALA F 65 5.00 -10.24 -26.44
N LYS F 66 6.13 -9.58 -26.20
CA LYS F 66 6.18 -8.12 -26.22
C LYS F 66 7.33 -7.68 -27.11
N HIS F 67 7.01 -6.97 -28.19
CA HIS F 67 8.01 -6.50 -29.14
C HIS F 67 8.22 -5.00 -29.09
N TRP F 68 9.48 -4.59 -29.00
CA TRP F 68 9.83 -3.17 -28.91
C TRP F 68 10.78 -2.68 -30.00
N PHE F 69 10.54 -1.46 -30.44
CA PHE F 69 11.38 -0.82 -31.44
C PHE F 69 11.37 0.68 -31.24
N CYS F 70 12.35 1.35 -31.83
CA CYS F 70 12.43 2.78 -31.68
C CYS F 70 11.47 3.52 -32.63
N ARG F 71 10.56 4.30 -32.04
CA ARG F 71 9.58 5.04 -32.82
C ARG F 71 10.23 6.03 -33.79
N THR F 72 11.50 6.32 -33.58
CA THR F 72 12.20 7.27 -34.44
C THR F 72 12.95 6.60 -35.61
N CYS F 73 13.89 5.71 -35.30
CA CYS F 73 14.65 5.04 -36.34
C CYS F 73 14.08 3.69 -36.76
N GLY F 74 13.12 3.17 -35.99
CA GLY F 74 12.50 1.89 -36.31
C GLY F 74 13.35 0.67 -36.00
N ILE F 75 14.43 0.87 -35.25
CA ILE F 75 15.31 -0.22 -34.90
C ILE F 75 14.79 -1.07 -33.77
N TYR F 76 14.76 -2.38 -34.00
CA TYR F 76 14.31 -3.34 -33.01
C TYR F 76 15.40 -3.56 -31.98
N THR F 77 15.07 -3.34 -30.70
CA THR F 77 16.04 -3.51 -29.63
C THR F 77 15.92 -4.85 -28.92
N HIS F 78 14.71 -5.18 -28.47
CA HIS F 78 14.49 -6.45 -27.77
C HIS F 78 13.03 -6.82 -27.65
N HIS F 79 12.76 -8.07 -27.27
CA HIS F 79 11.39 -8.52 -27.09
C HIS F 79 11.30 -9.63 -26.04
N GLN F 80 10.17 -9.68 -25.37
CA GLN F 80 9.95 -10.71 -24.36
C GLN F 80 9.42 -11.93 -25.12
N ARG F 81 10.19 -13.01 -25.11
CA ARG F 81 9.84 -14.24 -25.81
C ARG F 81 8.49 -14.85 -25.45
N ARG F 82 7.85 -15.47 -26.44
CA ARG F 82 6.56 -16.11 -26.24
C ARG F 82 6.77 -17.47 -25.57
N SER F 83 7.72 -18.22 -26.11
CA SER F 83 8.04 -19.55 -25.60
C SER F 83 8.48 -19.47 -24.14
N ASN F 84 9.27 -18.47 -23.82
CA ASN F 84 9.76 -18.30 -22.44
C ASN F 84 9.56 -16.88 -21.94
N PRO F 85 8.43 -16.61 -21.28
CA PRO F 85 8.08 -15.31 -20.72
C PRO F 85 9.10 -14.77 -19.70
N GLU F 86 10.05 -15.62 -19.31
CA GLU F 86 11.06 -15.22 -18.35
C GLU F 86 12.32 -14.68 -19.00
N GLU F 87 12.36 -14.67 -20.32
CA GLU F 87 13.55 -14.18 -21.00
C GLU F 87 13.28 -13.27 -22.19
N TYR F 88 14.29 -12.45 -22.51
CA TYR F 88 14.22 -11.51 -23.63
C TYR F 88 15.04 -12.01 -24.80
N GLY F 89 14.73 -11.46 -25.96
CA GLY F 89 15.48 -11.76 -27.16
C GLY F 89 16.13 -10.41 -27.37
N VAL F 90 17.38 -10.37 -27.82
CA VAL F 90 18.02 -9.07 -28.00
C VAL F 90 18.70 -8.92 -29.36
N ASN F 91 18.43 -7.81 -30.03
CA ASN F 91 19.01 -7.51 -31.34
C ASN F 91 20.53 -7.33 -31.15
N VAL F 92 21.29 -8.37 -31.47
CA VAL F 92 22.74 -8.33 -31.32
C VAL F 92 23.41 -7.13 -31.99
N ALA F 93 22.82 -6.65 -33.08
CA ALA F 93 23.39 -5.52 -33.81
C ALA F 93 23.38 -4.21 -33.05
N ILE F 94 22.58 -4.10 -31.99
CA ILE F 94 22.54 -2.87 -31.23
C ILE F 94 23.58 -2.85 -30.12
N LEU F 95 24.21 -4.00 -29.88
CA LEU F 95 25.23 -4.14 -28.85
C LEU F 95 26.55 -3.53 -29.31
N GLU F 96 27.03 -2.55 -28.57
CA GLU F 96 28.27 -1.85 -28.89
C GLU F 96 29.48 -2.71 -29.19
N GLY F 97 29.99 -2.58 -30.40
CA GLY F 97 31.18 -3.33 -30.82
C GLY F 97 30.87 -4.67 -31.45
N VAL F 98 29.61 -4.91 -31.75
CA VAL F 98 29.21 -6.17 -32.35
C VAL F 98 28.72 -6.05 -33.79
N ASN F 99 29.49 -6.61 -34.72
CA ASN F 99 29.10 -6.58 -36.12
C ASN F 99 28.48 -7.93 -36.41
N PRO F 100 27.16 -7.98 -36.67
CA PRO F 100 26.49 -9.25 -36.95
C PRO F 100 27.19 -10.11 -38.00
N ARG F 101 27.82 -9.45 -38.96
CA ARG F 101 28.54 -10.15 -40.01
C ARG F 101 29.59 -11.12 -39.43
N ASP F 102 30.20 -10.71 -38.32
CA ASP F 102 31.22 -11.50 -37.65
C ASP F 102 30.75 -12.76 -36.93
N LEU F 103 29.45 -13.02 -36.93
CA LEU F 103 28.93 -14.20 -36.26
C LEU F 103 28.84 -15.40 -37.20
N GLY F 104 29.02 -15.15 -38.49
CA GLY F 104 28.95 -16.23 -39.47
C GLY F 104 27.52 -16.60 -39.78
N GLU F 105 27.28 -17.86 -40.11
CA GLU F 105 25.93 -18.31 -40.44
C GLU F 105 25.21 -18.87 -39.21
N VAL F 106 24.25 -18.11 -38.69
CA VAL F 106 23.47 -18.56 -37.54
C VAL F 106 22.23 -19.27 -38.03
N PRO F 107 21.84 -20.35 -37.36
CA PRO F 107 20.66 -21.15 -37.73
C PRO F 107 19.37 -20.33 -37.65
N TRP F 108 18.31 -20.84 -38.29
CA TRP F 108 17.01 -20.18 -38.26
C TRP F 108 16.12 -20.93 -37.25
N THR F 109 15.65 -20.22 -36.23
CA THR F 109 14.78 -20.82 -35.23
C THR F 109 13.39 -21.04 -35.83
N MET G 1 21.62 22.24 11.43
CA MET G 1 20.46 23.04 11.91
C MET G 1 20.98 24.18 12.79
N LYS G 2 20.70 25.42 12.40
CA LYS G 2 21.15 26.59 13.13
C LYS G 2 20.37 26.92 14.41
N GLY G 3 21.08 27.37 15.43
CA GLY G 3 20.43 27.75 16.67
C GLY G 3 20.97 29.09 17.15
N THR G 4 20.09 30.00 17.53
CA THR G 4 20.52 31.31 18.02
C THR G 4 19.70 31.81 19.20
N CYS G 5 20.37 32.46 20.16
CA CYS G 5 19.69 33.02 21.31
C CYS G 5 18.94 34.23 20.78
N HIS G 6 18.24 34.94 21.65
CA HIS G 6 17.48 36.10 21.20
C HIS G 6 18.37 37.31 20.88
N CYS G 7 19.39 37.52 21.72
CA CYS G 7 20.35 38.62 21.54
C CYS G 7 20.97 38.55 20.15
N GLY G 8 21.27 37.34 19.69
CA GLY G 8 21.88 37.15 18.39
C GLY G 8 23.36 36.88 18.62
N ALA G 9 23.82 37.26 19.80
CA ALA G 9 25.21 37.09 20.19
C ALA G 9 25.68 35.66 19.99
N VAL G 10 24.87 34.70 20.41
CA VAL G 10 25.23 33.29 20.31
C VAL G 10 24.57 32.52 19.17
N GLU G 11 25.37 31.80 18.40
CA GLU G 11 24.87 30.98 17.30
C GLU G 11 25.58 29.62 17.32
N ILE G 12 24.80 28.55 17.24
CA ILE G 12 25.37 27.21 17.24
C ILE G 12 24.95 26.43 16.01
N GLU G 13 25.64 25.33 15.76
CA GLU G 13 25.31 24.46 14.65
C GLU G 13 25.16 23.09 15.29
N VAL G 14 24.00 22.47 15.13
CA VAL G 14 23.81 21.17 15.74
C VAL G 14 23.05 20.15 14.89
N GLU G 15 23.39 18.89 15.10
CA GLU G 15 22.72 17.79 14.41
C GLU G 15 22.15 16.93 15.52
N LEU G 16 20.83 17.00 15.70
CA LEU G 16 20.15 16.25 16.73
C LEU G 16 20.39 14.75 16.58
N LEU G 17 20.27 14.02 17.69
CA LEU G 17 20.49 12.59 17.67
C LEU G 17 19.33 11.84 17.06
N ASN G 18 18.15 12.01 17.65
CA ASN G 18 16.95 11.35 17.19
C ASN G 18 15.85 12.37 16.95
N GLY G 19 16.11 13.30 16.04
CA GLY G 19 15.13 14.33 15.72
C GLY G 19 14.55 14.99 16.95
N PHE G 20 13.23 15.20 16.93
CA PHE G 20 12.54 15.84 18.05
C PHE G 20 11.66 14.81 18.78
N ALA G 21 11.79 13.55 18.39
CA ALA G 21 11.01 12.46 18.98
C ALA G 21 11.14 12.34 20.49
N ASP G 22 12.36 12.52 21.02
CA ASP G 22 12.57 12.39 22.46
C ASP G 22 12.39 13.69 23.24
N ALA G 23 11.91 14.73 22.56
CA ALA G 23 11.70 16.03 23.19
C ALA G 23 10.90 15.89 24.49
N ARG G 24 11.46 16.40 25.58
CA ARG G 24 10.80 16.33 26.89
C ARG G 24 11.11 17.56 27.74
N ARG G 25 10.58 17.55 28.96
CA ARG G 25 10.78 18.63 29.92
C ARG G 25 11.17 18.06 31.28
N CYS G 26 12.31 18.47 31.81
CA CYS G 26 12.76 18.01 33.13
C CYS G 26 12.06 18.91 34.14
N ASP G 27 11.61 18.34 35.25
CA ASP G 27 10.93 19.16 36.25
C ASP G 27 11.73 19.30 37.54
N CYS G 28 13.06 19.15 37.44
CA CYS G 28 13.90 19.30 38.61
C CYS G 28 13.90 20.79 38.98
N SER G 29 14.32 21.09 40.21
CA SER G 29 14.33 22.48 40.68
C SER G 29 14.93 23.47 39.68
N PHE G 30 15.91 23.04 38.92
CA PHE G 30 16.55 23.91 37.95
C PHE G 30 15.86 23.93 36.60
N CYS G 31 15.64 22.74 36.02
CA CYS G 31 15.02 22.63 34.72
C CYS G 31 13.64 23.27 34.65
N ARG G 32 12.86 23.12 35.71
CA ARG G 32 11.52 23.67 35.72
C ARG G 32 11.58 25.20 35.64
N ARG G 33 12.61 25.79 36.21
CA ARG G 33 12.76 27.24 36.19
C ARG G 33 13.18 27.72 34.80
N ARG G 34 14.06 26.94 34.16
CA ARG G 34 14.53 27.28 32.82
C ARG G 34 13.33 27.17 31.88
N GLY G 35 12.46 26.20 32.20
CA GLY G 35 11.23 25.95 31.46
C GLY G 35 11.27 25.56 30.00
N ALA G 36 12.44 25.20 29.47
CA ALA G 36 12.53 24.84 28.07
C ALA G 36 12.26 23.38 27.73
N ILE G 37 11.99 23.15 26.45
CA ILE G 37 11.78 21.80 25.91
C ILE G 37 13.14 21.49 25.29
N ALA G 38 13.74 20.37 25.67
CA ALA G 38 15.05 20.03 25.13
C ALA G 38 15.07 18.79 24.24
N ALA G 39 16.00 18.81 23.27
CA ALA G 39 16.19 17.70 22.35
C ALA G 39 17.64 17.24 22.46
N THR G 40 17.85 15.92 22.42
CA THR G 40 19.20 15.35 22.54
C THR G 40 20.11 15.55 21.34
N ALA G 41 21.42 15.47 21.58
CA ALA G 41 22.42 15.62 20.53
C ALA G 41 23.77 15.13 21.06
N ARG G 42 24.51 14.38 20.23
CA ARG G 42 25.81 13.87 20.63
C ARG G 42 26.77 15.05 20.81
N LEU G 43 27.79 14.87 21.65
CA LEU G 43 28.76 15.92 21.87
C LEU G 43 29.34 16.35 20.53
N SER G 44 29.95 15.41 19.83
CA SER G 44 30.56 15.67 18.54
C SER G 44 29.58 16.23 17.50
N ASP G 45 28.29 16.19 17.81
CA ASP G 45 27.28 16.69 16.88
C ASP G 45 26.83 18.12 17.14
N LEU G 46 27.33 18.72 18.21
CA LEU G 46 26.96 20.10 18.53
C LEU G 46 28.20 20.97 18.60
N ARG G 47 28.07 22.20 18.11
CA ARG G 47 29.20 23.12 18.08
C ARG G 47 28.73 24.58 18.08
N VAL G 48 29.39 25.41 18.89
CA VAL G 48 29.06 26.82 18.92
C VAL G 48 29.75 27.52 17.76
N VAL G 49 28.95 28.17 16.91
CA VAL G 49 29.50 28.88 15.75
C VAL G 49 30.08 30.22 16.15
N ARG G 50 29.31 31.00 16.91
CA ARG G 50 29.76 32.31 17.34
C ARG G 50 29.15 32.69 18.69
N GLY G 51 29.81 33.61 19.39
CA GLY G 51 29.30 34.06 20.68
C GLY G 51 29.71 33.21 21.88
N ALA G 52 30.59 32.24 21.67
CA ALA G 52 31.01 31.39 22.78
C ALA G 52 31.40 32.21 24.01
N GLU G 53 32.07 33.34 23.80
CA GLU G 53 32.51 34.18 24.91
C GLU G 53 31.36 34.92 25.59
N ASN G 54 30.19 34.99 24.96
CA ASN G 54 29.04 35.66 25.55
C ASN G 54 28.20 34.65 26.31
N LEU G 55 28.67 33.40 26.35
CA LEU G 55 27.98 32.32 27.06
C LEU G 55 28.48 32.16 28.48
N THR G 56 27.55 32.19 29.43
CA THR G 56 27.87 32.03 30.84
C THR G 56 27.70 30.56 31.21
N LEU G 57 28.65 30.02 31.97
CA LEU G 57 28.58 28.62 32.40
C LEU G 57 28.04 28.59 33.81
N TYR G 58 27.17 27.62 34.10
CA TYR G 58 26.60 27.48 35.44
C TYR G 58 26.53 26.00 35.83
N GLN G 59 27.27 25.66 36.89
CA GLN G 59 27.30 24.29 37.39
C GLN G 59 26.80 24.27 38.83
N PHE G 60 26.36 23.10 39.29
CA PHE G 60 25.87 22.95 40.66
C PHE G 60 25.71 21.46 40.98
N GLY G 61 25.32 21.16 42.22
CA GLY G 61 25.13 19.79 42.64
C GLY G 61 26.41 18.98 42.50
N THR G 62 26.34 17.89 41.73
CA THR G 62 27.51 17.04 41.52
C THR G 62 28.49 17.75 40.59
N ARG G 63 28.01 18.82 39.94
CA ARG G 63 28.82 19.61 39.02
C ARG G 63 29.35 18.81 37.85
N THR G 64 28.66 17.72 37.52
CA THR G 64 29.06 16.88 36.39
C THR G 64 28.44 17.44 35.11
N ALA G 65 27.32 18.12 35.28
CA ALA G 65 26.62 18.73 34.14
C ALA G 65 27.03 20.18 33.98
N LYS G 66 26.95 20.66 32.74
CA LYS G 66 27.29 22.04 32.42
C LYS G 66 26.10 22.70 31.73
N HIS G 67 25.70 23.86 32.24
CA HIS G 67 24.59 24.61 31.67
C HIS G 67 25.07 25.94 31.14
N TRP G 68 24.71 26.26 29.91
CA TRP G 68 25.12 27.50 29.28
C TRP G 68 23.93 28.37 28.89
N PHE G 69 24.14 29.68 28.98
CA PHE G 69 23.12 30.63 28.60
C PHE G 69 23.79 31.94 28.25
N CYS G 70 23.14 32.70 27.38
CA CYS G 70 23.64 34.00 26.93
C CYS G 70 23.53 35.03 28.05
N ARG G 71 24.65 35.63 28.42
CA ARG G 71 24.68 36.63 29.49
C ARG G 71 23.97 37.92 29.12
N THR G 72 23.61 38.07 27.85
CA THR G 72 22.93 39.28 27.38
C THR G 72 21.41 39.15 27.38
N CYS G 73 20.88 38.20 26.62
CA CYS G 73 19.44 38.03 26.56
C CYS G 73 18.95 37.01 27.58
N GLY G 74 19.90 36.30 28.21
CA GLY G 74 19.58 35.32 29.23
C GLY G 74 18.99 34.02 28.74
N ILE G 75 19.00 33.81 27.43
CA ILE G 75 18.43 32.60 26.87
C ILE G 75 19.33 31.38 26.95
N TYR G 76 18.77 30.30 27.48
CA TYR G 76 19.48 29.04 27.63
C TYR G 76 19.56 28.37 26.26
N THR G 77 20.79 28.06 25.85
CA THR G 77 21.03 27.42 24.55
C THR G 77 21.12 25.91 24.67
N HIS G 78 22.06 25.45 25.50
CA HIS G 78 22.26 24.03 25.66
C HIS G 78 23.02 23.68 26.93
N HIS G 79 23.11 22.39 27.21
CA HIS G 79 23.82 21.91 28.39
C HIS G 79 24.25 20.47 28.19
N GLN G 80 25.36 20.09 28.83
CA GLN G 80 25.86 18.73 28.74
C GLN G 80 25.16 17.93 29.83
N ARG G 81 24.35 16.95 29.42
CA ARG G 81 23.58 16.12 30.34
C ARG G 81 24.39 15.50 31.47
N ARG G 82 23.82 15.52 32.67
CA ARG G 82 24.46 14.94 33.84
C ARG G 82 24.38 13.42 33.77
N SER G 83 23.20 12.92 33.44
CA SER G 83 22.97 11.49 33.33
C SER G 83 23.78 10.86 32.20
N ASN G 84 24.37 11.70 31.36
CA ASN G 84 25.17 11.21 30.24
C ASN G 84 26.08 12.30 29.67
N PRO G 85 27.34 12.34 30.11
CA PRO G 85 28.36 13.29 29.68
C PRO G 85 28.62 13.34 28.18
N GLU G 86 28.05 12.37 27.45
CA GLU G 86 28.25 12.31 26.01
C GLU G 86 27.10 12.92 25.22
N GLU G 87 26.11 13.46 25.93
CA GLU G 87 24.97 14.07 25.28
C GLU G 87 24.79 15.54 25.61
N TYR G 88 24.12 16.24 24.72
CA TYR G 88 23.82 17.66 24.89
C TYR G 88 22.31 17.84 24.90
N GLY G 89 21.84 18.75 25.75
CA GLY G 89 20.43 19.04 25.78
C GLY G 89 20.33 20.35 25.02
N VAL G 90 19.45 20.44 24.03
CA VAL G 90 19.33 21.66 23.25
C VAL G 90 17.94 22.28 23.36
N ASN G 91 17.92 23.60 23.56
CA ASN G 91 16.68 24.37 23.67
C ASN G 91 16.11 24.45 22.26
N VAL G 92 15.08 23.65 21.98
CA VAL G 92 14.48 23.63 20.65
C VAL G 92 13.95 24.97 20.19
N ALA G 93 13.62 25.84 21.15
CA ALA G 93 13.08 27.16 20.82
C ALA G 93 14.11 28.08 20.19
N ILE G 94 15.36 27.65 20.15
CA ILE G 94 16.41 28.48 19.56
C ILE G 94 16.77 28.03 18.15
N LEU G 95 16.29 26.85 17.76
CA LEU G 95 16.58 26.32 16.43
C LEU G 95 15.73 27.02 15.38
N GLU G 96 16.38 27.46 14.31
CA GLU G 96 15.71 28.18 13.23
C GLU G 96 14.45 27.49 12.70
N GLY G 97 13.34 28.21 12.74
CA GLY G 97 12.08 27.68 12.24
C GLY G 97 11.37 26.67 13.13
N VAL G 98 11.74 26.60 14.41
CA VAL G 98 11.10 25.66 15.32
C VAL G 98 10.30 26.32 16.44
N ASN G 99 9.00 26.47 16.24
CA ASN G 99 8.14 27.08 17.26
C ASN G 99 7.71 25.94 18.19
N PRO G 100 8.19 25.96 19.45
CA PRO G 100 7.88 24.94 20.44
C PRO G 100 6.39 24.61 20.57
N ARG G 101 5.53 25.52 20.14
CA ARG G 101 4.09 25.29 20.21
C ARG G 101 3.69 24.19 19.23
N ASP G 102 4.41 24.10 18.11
CA ASP G 102 4.12 23.12 17.09
C ASP G 102 4.49 21.69 17.47
N LEU G 103 5.19 21.52 18.58
CA LEU G 103 5.57 20.18 19.02
C LEU G 103 4.43 19.50 19.76
N GLY G 104 3.43 20.29 20.15
CA GLY G 104 2.30 19.74 20.87
C GLY G 104 2.65 19.43 22.31
N GLU G 105 1.72 18.81 23.03
CA GLU G 105 1.94 18.45 24.43
C GLU G 105 3.15 17.52 24.53
N VAL G 106 4.06 17.79 25.47
CA VAL G 106 5.24 16.96 25.63
C VAL G 106 5.39 16.39 27.05
N PRO G 107 6.16 15.30 27.19
CA PRO G 107 6.42 14.59 28.46
C PRO G 107 7.29 15.37 29.45
N TRP G 108 7.15 15.03 30.74
CA TRP G 108 7.95 15.66 31.79
C TRP G 108 8.92 14.60 32.34
N THR G 109 10.18 14.69 31.97
CA THR G 109 11.19 13.73 32.43
C THR G 109 11.25 13.69 33.95
N MET H 1 6.21 -13.58 11.87
CA MET H 1 4.84 -14.19 11.85
C MET H 1 4.07 -13.69 10.63
N LYS H 2 3.63 -14.64 9.79
CA LYS H 2 2.90 -14.34 8.56
C LYS H 2 1.39 -14.15 8.71
N GLY H 3 0.87 -13.16 7.99
CA GLY H 3 -0.56 -12.86 8.00
C GLY H 3 -1.07 -12.72 6.57
N THR H 4 -2.21 -13.33 6.28
CA THR H 4 -2.78 -13.27 4.94
C THR H 4 -4.31 -13.20 4.93
N CYS H 5 -4.85 -12.42 4.00
CA CYS H 5 -6.30 -12.29 3.88
C CYS H 5 -6.76 -13.60 3.23
N HIS H 6 -8.06 -13.87 3.31
CA HIS H 6 -8.57 -15.10 2.72
C HIS H 6 -8.28 -15.19 1.23
N CYS H 7 -8.43 -14.07 0.51
CA CYS H 7 -8.18 -14.04 -0.94
C CYS H 7 -6.75 -14.48 -1.25
N GLY H 8 -5.81 -14.00 -0.45
CA GLY H 8 -4.41 -14.32 -0.65
C GLY H 8 -3.75 -13.14 -1.34
N ALA H 9 -4.58 -12.16 -1.70
CA ALA H 9 -4.10 -10.95 -2.38
C ALA H 9 -3.25 -10.10 -1.44
N VAL H 10 -3.56 -10.14 -0.15
CA VAL H 10 -2.83 -9.38 0.84
C VAL H 10 -2.09 -10.28 1.83
N GLU H 11 -0.81 -9.97 2.03
CA GLU H 11 0.04 -10.72 2.97
C GLU H 11 0.92 -9.74 3.73
N ILE H 12 0.92 -9.85 5.05
CA ILE H 12 1.74 -8.96 5.85
C ILE H 12 2.75 -9.76 6.68
N GLU H 13 3.66 -9.06 7.32
CA GLU H 13 4.66 -9.70 8.17
C GLU H 13 4.72 -8.81 9.40
N VAL H 14 4.27 -9.35 10.53
CA VAL H 14 4.24 -8.57 11.76
C VAL H 14 4.88 -9.25 12.96
N GLU H 15 5.25 -8.42 13.93
CA GLU H 15 5.84 -8.87 15.19
C GLU H 15 4.98 -8.26 16.28
N LEU H 16 4.18 -9.08 16.93
CA LEU H 16 3.30 -8.61 17.98
C LEU H 16 4.09 -8.05 19.15
N LEU H 17 3.61 -6.94 19.70
CA LEU H 17 4.27 -6.28 20.83
C LEU H 17 4.41 -7.24 22.01
N ASN H 18 3.32 -7.90 22.37
CA ASN H 18 3.35 -8.84 23.48
C ASN H 18 2.43 -10.03 23.25
N GLY H 19 2.80 -10.86 22.27
CA GLY H 19 2.02 -12.04 21.95
C GLY H 19 0.53 -11.80 21.90
N PHE H 20 -0.23 -12.78 22.37
CA PHE H 20 -1.69 -12.72 22.38
C PHE H 20 -2.20 -12.46 23.79
N ALA H 21 -1.33 -11.94 24.64
CA ALA H 21 -1.69 -11.65 26.03
C ALA H 21 -2.75 -10.57 26.15
N ASP H 22 -2.65 -9.53 25.31
CA ASP H 22 -3.59 -8.42 25.34
C ASP H 22 -4.68 -8.49 24.26
N ALA H 23 -4.93 -9.69 23.74
CA ALA H 23 -5.95 -9.88 22.71
C ALA H 23 -7.33 -9.51 23.23
N ARG H 24 -7.98 -8.56 22.55
CA ARG H 24 -9.30 -8.09 22.95
C ARG H 24 -10.14 -7.75 21.70
N ARG H 25 -11.38 -7.35 21.92
CA ARG H 25 -12.28 -6.97 20.85
C ARG H 25 -13.10 -5.71 21.19
N CYS H 26 -12.68 -4.57 20.65
CA CYS H 26 -13.34 -3.28 20.86
C CYS H 26 -14.83 -3.43 20.51
N ASP H 27 -15.71 -2.87 21.33
CA ASP H 27 -17.14 -2.99 21.03
C ASP H 27 -17.80 -1.69 20.60
N CYS H 28 -17.01 -0.79 20.02
CA CYS H 28 -17.56 0.48 19.53
C CYS H 28 -18.45 0.13 18.34
N SER H 29 -19.28 1.07 17.89
CA SER H 29 -20.19 0.81 16.76
C SER H 29 -19.50 0.22 15.53
N PHE H 30 -18.26 0.63 15.28
CA PHE H 30 -17.52 0.11 14.15
C PHE H 30 -16.87 -1.24 14.44
N CYS H 31 -16.03 -1.29 15.46
CA CYS H 31 -15.35 -2.53 15.84
C CYS H 31 -16.27 -3.74 16.08
N ARG H 32 -17.45 -3.52 16.63
CA ARG H 32 -18.37 -4.63 16.87
C ARG H 32 -18.84 -5.26 15.56
N ARG H 33 -18.90 -4.45 14.51
CA ARG H 33 -19.32 -4.93 13.19
C ARG H 33 -18.20 -5.73 12.53
N ARG H 34 -16.96 -5.41 12.88
CA ARG H 34 -15.79 -6.12 12.35
C ARG H 34 -15.84 -7.51 12.96
N GLY H 35 -16.06 -7.54 14.27
CA GLY H 35 -16.15 -8.80 14.99
C GLY H 35 -14.86 -9.58 15.17
N ALA H 36 -13.73 -8.95 14.89
CA ALA H 36 -12.44 -9.63 15.01
C ALA H 36 -11.77 -9.45 16.36
N ILE H 37 -10.76 -10.27 16.62
CA ILE H 37 -9.99 -10.21 17.86
C ILE H 37 -8.69 -9.55 17.44
N ALA H 38 -8.26 -8.54 18.19
CA ALA H 38 -7.04 -7.84 17.83
C ALA H 38 -5.92 -7.94 18.85
N ALA H 39 -4.70 -7.95 18.33
CA ALA H 39 -3.49 -8.02 19.14
C ALA H 39 -2.66 -6.80 18.73
N THR H 40 -1.90 -6.25 19.67
CA THR H 40 -1.10 -5.07 19.38
C THR H 40 0.22 -5.36 18.68
N ALA H 41 0.71 -4.38 17.94
CA ALA H 41 1.97 -4.49 17.20
C ALA H 41 2.47 -3.08 16.88
N ARG H 42 3.73 -2.81 17.16
CA ARG H 42 4.30 -1.49 16.89
C ARG H 42 4.37 -1.21 15.39
N LEU H 43 4.21 0.06 15.03
CA LEU H 43 4.23 0.47 13.63
C LEU H 43 5.45 -0.07 12.91
N SER H 44 6.62 0.07 13.54
CA SER H 44 7.87 -0.38 12.96
C SER H 44 7.97 -1.91 12.87
N ASP H 45 7.02 -2.61 13.50
CA ASP H 45 7.05 -4.07 13.48
C ASP H 45 6.06 -4.73 12.55
N LEU H 46 5.44 -3.94 11.67
CA LEU H 46 4.47 -4.51 10.73
C LEU H 46 4.52 -3.86 9.37
N ARG H 47 4.71 -4.67 8.33
CA ARG H 47 4.75 -4.18 6.96
C ARG H 47 4.01 -5.12 6.02
N VAL H 48 3.27 -4.54 5.07
CA VAL H 48 2.53 -5.31 4.09
C VAL H 48 3.50 -5.81 3.02
N VAL H 49 3.65 -7.13 2.96
CA VAL H 49 4.56 -7.78 2.04
C VAL H 49 4.03 -8.01 0.62
N ARG H 50 2.71 -8.08 0.45
CA ARG H 50 2.15 -8.31 -0.86
C ARG H 50 0.73 -7.76 -0.99
N GLY H 51 0.44 -7.15 -2.14
CA GLY H 51 -0.89 -6.61 -2.40
C GLY H 51 -1.35 -5.44 -1.56
N ALA H 52 -0.44 -4.54 -1.18
CA ALA H 52 -0.83 -3.38 -0.38
C ALA H 52 -1.80 -2.50 -1.17
N GLU H 53 -1.71 -2.57 -2.49
CA GLU H 53 -2.58 -1.78 -3.36
C GLU H 53 -3.99 -2.35 -3.39
N ASN H 54 -4.15 -3.60 -2.97
CA ASN H 54 -5.46 -4.23 -2.98
C ASN H 54 -6.20 -4.09 -1.65
N LEU H 55 -5.74 -3.14 -0.83
CA LEU H 55 -6.37 -2.87 0.46
C LEU H 55 -7.22 -1.61 0.35
N THR H 56 -8.37 -1.62 1.01
CA THR H 56 -9.25 -0.47 1.00
C THR H 56 -9.10 0.26 2.35
N LEU H 57 -8.94 1.57 2.28
CA LEU H 57 -8.78 2.36 3.49
C LEU H 57 -10.10 3.00 3.89
N TYR H 58 -10.48 2.80 5.14
CA TYR H 58 -11.70 3.38 5.65
C TYR H 58 -11.37 4.27 6.84
N GLN H 59 -11.93 5.48 6.84
CA GLN H 59 -11.71 6.41 7.93
C GLN H 59 -13.01 7.10 8.31
N PHE H 60 -13.17 7.41 9.59
CA PHE H 60 -14.38 8.07 10.07
C PHE H 60 -14.08 8.85 11.35
N GLY H 61 -15.10 9.53 11.86
CA GLY H 61 -14.93 10.32 13.07
C GLY H 61 -13.76 11.27 12.98
N THR H 62 -12.81 11.15 13.91
CA THR H 62 -11.63 12.00 13.93
C THR H 62 -10.78 11.82 12.68
N ARG H 63 -10.97 10.69 12.01
CA ARG H 63 -10.22 10.38 10.80
C ARG H 63 -8.72 10.38 11.10
N THR H 64 -8.39 9.83 12.26
CA THR H 64 -7.01 9.73 12.70
C THR H 64 -6.64 8.26 12.59
N ALA H 65 -7.61 7.39 12.86
CA ALA H 65 -7.41 5.95 12.77
C ALA H 65 -7.48 5.48 11.31
N LYS H 66 -6.62 4.53 10.96
CA LYS H 66 -6.60 4.00 9.61
C LYS H 66 -7.01 2.53 9.60
N HIS H 67 -8.19 2.25 9.07
CA HIS H 67 -8.69 0.90 9.02
C HIS H 67 -8.53 0.33 7.61
N TRP H 68 -7.88 -0.83 7.49
CA TRP H 68 -7.66 -1.43 6.19
C TRP H 68 -8.33 -2.77 5.99
N PHE H 69 -8.76 -3.04 4.77
CA PHE H 69 -9.35 -4.33 4.45
C PHE H 69 -9.19 -4.68 2.97
N CYS H 70 -9.03 -5.98 2.68
CA CYS H 70 -8.87 -6.47 1.31
C CYS H 70 -10.14 -6.22 0.51
N ARG H 71 -10.01 -5.47 -0.58
CA ARG H 71 -11.15 -5.15 -1.41
C ARG H 71 -11.78 -6.36 -2.11
N THR H 72 -11.11 -7.49 -2.06
CA THR H 72 -11.63 -8.69 -2.72
C THR H 72 -12.44 -9.57 -1.78
N CYS H 73 -11.84 -10.01 -0.68
CA CYS H 73 -12.54 -10.87 0.28
C CYS H 73 -13.16 -10.12 1.47
N GLY H 74 -12.96 -8.81 1.51
CA GLY H 74 -13.50 -8.00 2.59
C GLY H 74 -12.87 -8.23 3.96
N ILE H 75 -11.86 -9.08 4.01
CA ILE H 75 -11.21 -9.39 5.27
C ILE H 75 -10.38 -8.25 5.88
N TYR H 76 -10.70 -7.92 7.12
CA TYR H 76 -9.99 -6.88 7.86
C TYR H 76 -8.60 -7.44 8.22
N THR H 77 -7.55 -6.74 7.81
CA THR H 77 -6.19 -7.18 8.11
C THR H 77 -5.64 -6.47 9.33
N HIS H 78 -5.62 -5.14 9.29
CA HIS H 78 -5.12 -4.37 10.40
C HIS H 78 -5.60 -2.93 10.35
N HIS H 79 -5.41 -2.21 11.45
CA HIS H 79 -5.81 -0.81 11.51
C HIS H 79 -4.81 -0.06 12.38
N GLN H 80 -4.70 1.24 12.16
CA GLN H 80 -3.80 2.05 12.96
C GLN H 80 -4.65 2.64 14.09
N ARG H 81 -4.49 2.07 15.28
CA ARG H 81 -5.24 2.50 16.46
C ARG H 81 -5.36 4.02 16.58
N ARG H 82 -6.59 4.48 16.74
CA ARG H 82 -6.87 5.90 16.88
C ARG H 82 -6.34 6.42 18.21
N SER H 83 -6.30 5.54 19.21
CA SER H 83 -5.82 5.91 20.53
C SER H 83 -4.32 6.12 20.51
N ASN H 84 -3.61 5.19 19.89
CA ASN H 84 -2.16 5.28 19.81
C ASN H 84 -1.66 5.11 18.37
N PRO H 85 -1.40 6.23 17.67
CA PRO H 85 -0.93 6.21 16.29
C PRO H 85 0.33 5.38 16.08
N GLU H 86 0.99 5.02 17.19
CA GLU H 86 2.22 4.24 17.13
C GLU H 86 1.94 2.74 17.18
N GLU H 87 0.68 2.38 17.41
CA GLU H 87 0.31 0.98 17.48
C GLU H 87 -0.61 0.54 16.35
N TYR H 88 -0.51 -0.73 16.00
CA TYR H 88 -1.34 -1.31 14.96
C TYR H 88 -2.25 -2.33 15.63
N GLY H 89 -3.43 -2.51 15.06
CA GLY H 89 -4.35 -3.50 15.56
C GLY H 89 -4.33 -4.55 14.47
N VAL H 90 -3.90 -5.76 14.81
CA VAL H 90 -3.83 -6.85 13.83
C VAL H 90 -4.88 -7.92 14.11
N ASN H 91 -5.56 -8.36 13.05
CA ASN H 91 -6.58 -9.41 13.16
C ASN H 91 -5.85 -10.72 13.42
N VAL H 92 -6.04 -11.31 14.59
CA VAL H 92 -5.37 -12.55 14.94
C VAL H 92 -5.74 -13.72 14.01
N ALA H 93 -6.94 -13.65 13.44
CA ALA H 93 -7.40 -14.72 12.56
C ALA H 93 -6.66 -14.80 11.24
N ILE H 94 -5.93 -13.76 10.87
CA ILE H 94 -5.20 -13.79 9.59
C ILE H 94 -3.77 -14.33 9.77
N LEU H 95 -3.35 -14.50 11.02
CA LEU H 95 -2.00 -15.00 11.31
C LEU H 95 -1.89 -16.51 11.14
N GLU H 96 -1.00 -16.93 10.24
CA GLU H 96 -0.80 -18.34 9.93
C GLU H 96 -0.69 -19.26 11.16
N GLY H 97 -1.56 -20.25 11.21
CA GLY H 97 -1.56 -21.18 12.32
C GLY H 97 -2.34 -20.74 13.53
N VAL H 98 -3.06 -19.62 13.43
CA VAL H 98 -3.82 -19.15 14.58
C VAL H 98 -5.32 -19.28 14.38
N ASN H 99 -5.93 -20.16 15.16
CA ASN H 99 -7.37 -20.36 15.10
C ASN H 99 -7.91 -19.60 16.31
N PRO H 100 -8.59 -18.47 16.07
CA PRO H 100 -9.16 -17.64 17.13
C PRO H 100 -9.90 -18.42 18.23
N ARG H 101 -10.41 -19.59 17.87
CA ARG H 101 -11.12 -20.45 18.82
C ARG H 101 -10.22 -20.84 20.00
N ASP H 102 -8.96 -21.14 19.73
CA ASP H 102 -8.03 -21.56 20.78
C ASP H 102 -7.65 -20.45 21.77
N LEU H 103 -7.95 -19.20 21.44
CA LEU H 103 -7.63 -18.09 22.32
C LEU H 103 -8.63 -17.96 23.46
N GLY H 104 -9.66 -18.80 23.43
CA GLY H 104 -10.67 -18.76 24.47
C GLY H 104 -11.44 -17.45 24.53
N GLU H 105 -12.27 -17.31 25.57
CA GLU H 105 -13.07 -16.11 25.76
C GLU H 105 -12.20 -14.90 26.06
N VAL H 106 -12.12 -13.98 25.09
CA VAL H 106 -11.32 -12.77 25.26
C VAL H 106 -12.20 -11.61 25.70
N PRO H 107 -11.60 -10.61 26.38
CA PRO H 107 -12.28 -9.42 26.90
C PRO H 107 -12.76 -8.45 25.82
N TRP H 108 -13.65 -7.53 26.22
CA TRP H 108 -14.17 -6.50 25.33
C TRP H 108 -13.61 -5.14 25.74
#